data_3OED
#
_entry.id   3OED
#
_cell.length_a   146.120
_cell.length_b   146.120
_cell.length_c   253.060
_cell.angle_alpha   90.00
_cell.angle_beta   90.00
_cell.angle_gamma   120.00
#
_symmetry.space_group_name_H-M   'H 3 2'
#
loop_
_entity.id
_entity.type
_entity.pdbx_description
1 polymer 'Complement C3'
2 polymer 'Complement receptor type 2'
3 water water
#
loop_
_entity_poly.entity_id
_entity_poly.type
_entity_poly.pdbx_seq_one_letter_code
_entity_poly.pdbx_strand_id
1 'polypeptide(L)'
;MLDAERLKHLIVTPSGAGEQNMIGMTPTVIAVHYLDETEQWEKFGLEKRQGALELIKKGYTQQLAFRQPSSAFAAFVKRA
PSTWLTAYVVKVFSLAVNLIAIDSQVLCGAVKWLILEKQKPDGVFQEDAPVIHQEMIGGLRNNNEKDMALTAFVLISLQE
AKDICEEQVNSLPGSITKAGDFLEANYMNLQRSYTVAIAGYALAQMGRLKGPLLNKFLTTAKDKNRWEDPGKQLYNVEAT
SYALLALLQLKDFDFVPPVVRWLNEQRYYGGGYGSTQATFMVFQALAQYQKDAPDHQELNLDVSLQLPSR
;
A,B
2 'polypeptide(L)'
;MGISCGSPPPILNGRISYYSTPIAVGTVIRYSCSGTFRLIGEKSLLCITKDKVDGTWDKPAPKCEYFNKYSSCPEPIVPG
GYKIRGSTPYRHGDSVTFACKTNFSMNGNKSVWCQANNMWGPTRLPTCVSVFPLE
;
C,D
#
# COMPACT_ATOMS: atom_id res chain seq x y z
N MET A 1 -31.27 6.19 30.60
CA MET A 1 -29.83 5.89 30.72
C MET A 1 -29.65 4.98 31.92
N LEU A 2 -29.22 3.75 31.66
CA LEU A 2 -29.00 2.78 32.72
C LEU A 2 -27.94 3.31 33.68
N ASP A 3 -28.29 3.37 34.96
CA ASP A 3 -27.50 4.07 35.95
C ASP A 3 -26.36 3.23 36.50
N ALA A 4 -25.17 3.83 36.46
CA ALA A 4 -23.90 3.22 36.91
C ALA A 4 -23.93 2.49 38.25
N GLU A 5 -24.74 2.98 39.17
CA GLU A 5 -24.84 2.41 40.49
C GLU A 5 -25.44 1.01 40.44
N ARG A 6 -26.35 0.82 39.49
CA ARG A 6 -27.09 -0.43 39.33
C ARG A 6 -26.30 -1.45 38.51
N LEU A 7 -25.10 -1.06 38.08
CA LEU A 7 -24.25 -1.89 37.23
C LEU A 7 -22.99 -2.44 37.91
N LYS A 8 -22.72 -2.03 39.15
CA LYS A 8 -21.48 -2.39 39.85
C LYS A 8 -21.13 -3.86 39.64
N HIS A 9 -22.15 -4.69 39.54
CA HIS A 9 -22.02 -6.13 39.57
C HIS A 9 -21.58 -6.70 38.24
N LEU A 10 -21.18 -5.82 37.33
CA LEU A 10 -20.80 -6.24 35.99
C LEU A 10 -19.30 -6.25 35.82
N ILE A 11 -18.60 -5.61 36.74
CA ILE A 11 -17.15 -5.74 36.83
C ILE A 11 -16.93 -7.11 37.46
N VAL A 12 -16.41 -8.06 36.68
CA VAL A 12 -16.36 -9.44 37.12
C VAL A 12 -14.99 -10.02 36.85
N THR A 13 -14.38 -10.67 37.85
CA THR A 13 -13.12 -11.38 37.64
C THR A 13 -13.26 -12.61 36.72
N PRO A 14 -12.67 -12.53 35.53
CA PRO A 14 -12.90 -13.55 34.52
C PRO A 14 -12.09 -14.81 34.75
N SER A 15 -12.77 -15.91 35.07
CA SER A 15 -12.10 -17.19 35.29
C SER A 15 -12.66 -18.35 34.46
N GLY A 16 -11.81 -19.34 34.16
CA GLY A 16 -12.28 -20.61 33.58
C GLY A 16 -11.74 -21.03 32.21
N ALA A 17 -12.54 -21.90 31.57
CA ALA A 17 -12.26 -22.40 30.23
C ALA A 17 -12.38 -21.29 29.16
N GLY A 18 -12.13 -21.66 27.91
CA GLY A 18 -12.26 -20.72 26.81
C GLY A 18 -13.67 -20.18 26.65
N GLU A 19 -14.61 -20.63 27.49
CA GLU A 19 -15.96 -20.09 27.43
C GLU A 19 -16.26 -19.22 28.64
N GLN A 20 -16.11 -19.80 29.83
CA GLN A 20 -16.38 -19.04 31.04
C GLN A 20 -15.49 -17.85 31.13
N ASN A 21 -14.32 -17.91 30.51
CA ASN A 21 -13.49 -16.76 30.53
C ASN A 21 -14.18 -15.68 29.76
N MET A 22 -14.88 -16.06 28.71
CA MET A 22 -15.53 -15.09 27.84
C MET A 22 -16.81 -14.65 28.46
N ILE A 23 -17.43 -15.55 29.21
CA ILE A 23 -18.66 -15.23 29.90
C ILE A 23 -18.39 -14.13 30.93
N GLY A 24 -17.32 -14.31 31.70
CA GLY A 24 -16.93 -13.34 32.69
C GLY A 24 -16.27 -12.14 32.05
N MET A 25 -15.67 -12.33 30.88
CA MET A 25 -15.05 -11.20 30.22
C MET A 25 -16.08 -10.24 29.64
N THR A 26 -17.19 -10.80 29.14
CA THR A 26 -18.22 -10.05 28.44
C THR A 26 -18.77 -8.83 29.22
N PRO A 27 -19.38 -9.06 30.40
CA PRO A 27 -20.00 -8.00 31.17
C PRO A 27 -19.01 -6.90 31.54
N THR A 28 -17.83 -7.26 31.99
CA THR A 28 -16.87 -6.23 32.38
C THR A 28 -16.55 -5.33 31.21
N VAL A 29 -16.29 -5.95 30.05
CA VAL A 29 -15.84 -5.25 28.88
C VAL A 29 -16.90 -4.29 28.45
N ILE A 30 -18.14 -4.78 28.40
CA ILE A 30 -19.24 -3.95 27.91
C ILE A 30 -19.63 -2.86 28.91
N ALA A 31 -19.45 -3.12 30.20
CA ALA A 31 -19.76 -2.14 31.22
C ALA A 31 -18.81 -0.93 31.18
N VAL A 32 -17.51 -1.20 31.08
CA VAL A 32 -16.51 -0.15 31.01
C VAL A 32 -16.83 0.73 29.81
N HIS A 33 -17.10 0.04 28.70
CA HIS A 33 -17.57 0.69 27.50
C HIS A 33 -18.76 1.61 27.80
N TYR A 34 -19.81 1.12 28.46
CA TYR A 34 -20.96 1.96 28.75
C TYR A 34 -20.58 3.21 29.53
N LEU A 35 -19.81 3.04 30.61
CA LEU A 35 -19.43 4.15 31.48
C LEU A 35 -18.56 5.10 30.74
N ASP A 36 -17.64 4.55 29.96
CA ASP A 36 -16.84 5.40 29.11
C ASP A 36 -17.74 6.29 28.26
N GLU A 37 -18.63 5.68 27.47
CA GLU A 37 -19.52 6.42 26.58
C GLU A 37 -20.48 7.37 27.28
N THR A 38 -21.11 6.90 28.34
CA THR A 38 -22.10 7.71 29.01
C THR A 38 -21.45 8.64 30.04
N GLU A 39 -20.12 8.69 30.02
CA GLU A 39 -19.37 9.67 30.82
C GLU A 39 -19.48 9.45 32.32
N GLN A 40 -20.29 8.47 32.71
CA GLN A 40 -20.66 8.26 34.11
C GLN A 40 -19.53 7.81 35.04
N TRP A 41 -18.28 8.12 34.71
CA TRP A 41 -17.19 7.59 35.51
C TRP A 41 -17.00 8.36 36.81
N GLU A 42 -17.21 9.68 36.77
CA GLU A 42 -17.07 10.47 37.99
C GLU A 42 -18.13 10.06 39.02
N LYS A 43 -19.36 9.86 38.57
CA LYS A 43 -20.42 9.42 39.48
C LYS A 43 -19.94 8.21 40.25
N PHE A 44 -19.30 7.29 39.56
CA PHE A 44 -19.10 5.94 40.07
C PHE A 44 -17.64 5.61 40.43
N GLY A 45 -16.82 6.65 40.58
CA GLY A 45 -15.50 6.45 41.13
C GLY A 45 -14.47 6.20 40.05
N LEU A 46 -13.86 7.28 39.59
CA LEU A 46 -12.79 7.28 38.59
C LEU A 46 -11.75 6.19 38.83
N GLU A 47 -11.24 6.12 40.05
CA GLU A 47 -10.20 5.16 40.41
C GLU A 47 -10.58 3.69 40.23
N LYS A 48 -11.86 3.39 40.03
CA LYS A 48 -12.29 2.01 39.82
C LYS A 48 -11.98 1.53 38.40
N ARG A 49 -11.65 2.49 37.54
CA ARG A 49 -11.48 2.26 36.11
C ARG A 49 -10.19 1.51 35.75
N GLN A 50 -9.04 2.08 36.13
CA GLN A 50 -7.74 1.41 35.99
C GLN A 50 -7.88 -0.02 36.47
N GLY A 51 -8.57 -0.18 37.61
CA GLY A 51 -8.90 -1.45 38.19
C GLY A 51 -9.49 -2.42 37.19
N ALA A 52 -10.56 -1.99 36.50
CA ALA A 52 -11.29 -2.86 35.58
C ALA A 52 -10.59 -3.07 34.25
N LEU A 53 -9.78 -2.10 33.82
CA LEU A 53 -8.95 -2.29 32.64
C LEU A 53 -8.04 -3.50 32.81
N GLU A 54 -7.31 -3.54 33.93
CA GLU A 54 -6.46 -4.68 34.24
C GLU A 54 -7.31 -5.94 34.22
N LEU A 55 -8.48 -5.89 34.86
CA LEU A 55 -9.42 -7.01 34.80
C LEU A 55 -9.71 -7.47 33.38
N ILE A 56 -10.11 -6.54 32.53
CA ILE A 56 -10.36 -6.83 31.11
C ILE A 56 -9.13 -7.50 30.53
N LYS A 57 -8.01 -6.76 30.53
CA LYS A 57 -6.72 -7.27 30.09
C LYS A 57 -6.50 -8.69 30.55
N LYS A 58 -6.76 -8.95 31.84
CA LYS A 58 -6.62 -10.28 32.41
C LYS A 58 -7.46 -11.26 31.60
N GLY A 59 -8.75 -10.97 31.50
CA GLY A 59 -9.63 -11.74 30.62
C GLY A 59 -8.95 -12.08 29.30
N TYR A 60 -8.49 -11.02 28.62
CA TYR A 60 -7.89 -11.10 27.29
C TYR A 60 -6.73 -12.07 27.21
N THR A 61 -5.78 -11.90 28.11
CA THR A 61 -4.63 -12.76 28.15
C THR A 61 -5.12 -14.16 28.34
N GLN A 62 -5.80 -14.37 29.45
CA GLN A 62 -6.30 -15.67 29.79
C GLN A 62 -6.93 -16.33 28.58
N GLN A 63 -7.78 -15.59 27.86
CA GLN A 63 -8.39 -16.17 26.69
C GLN A 63 -7.36 -16.69 25.71
N LEU A 64 -6.32 -15.91 25.45
CA LEU A 64 -5.30 -16.31 24.45
C LEU A 64 -4.79 -17.71 24.68
N ALA A 65 -4.87 -18.18 25.92
CA ALA A 65 -4.37 -19.50 26.25
C ALA A 65 -5.24 -20.60 25.67
N PHE A 66 -6.30 -20.22 24.96
CA PHE A 66 -7.23 -21.20 24.47
C PHE A 66 -7.27 -21.19 22.98
N ARG A 67 -6.58 -20.19 22.43
CA ARG A 67 -6.34 -20.04 21.01
C ARG A 67 -5.57 -21.24 20.53
N GLN A 68 -6.03 -21.84 19.44
CA GLN A 68 -5.33 -22.95 18.82
C GLN A 68 -4.34 -22.51 17.74
N PRO A 69 -3.42 -23.41 17.35
CA PRO A 69 -2.58 -23.17 16.18
C PRO A 69 -3.32 -22.67 14.91
N SER A 70 -4.60 -23.02 14.75
CA SER A 70 -5.40 -22.51 13.63
C SER A 70 -5.78 -21.04 13.81
N SER A 71 -5.57 -20.53 15.02
CA SER A 71 -5.95 -19.17 15.45
C SER A 71 -7.41 -19.03 15.82
N ALA A 72 -8.04 -20.19 16.06
CA ALA A 72 -9.45 -20.29 16.45
C ALA A 72 -9.62 -20.81 17.87
N PHE A 73 -10.81 -20.63 18.44
CA PHE A 73 -11.04 -21.00 19.83
C PHE A 73 -12.11 -22.09 20.06
N ALA A 74 -11.85 -22.95 21.03
CA ALA A 74 -12.84 -23.86 21.59
C ALA A 74 -12.74 -23.77 23.12
N ALA A 75 -13.70 -24.33 23.84
CA ALA A 75 -13.62 -24.37 25.31
C ALA A 75 -12.22 -24.69 25.86
N PHE A 76 -11.68 -25.85 25.51
CA PHE A 76 -10.30 -26.20 25.86
C PHE A 76 -9.50 -26.42 24.57
N VAL A 77 -8.19 -26.68 24.67
CA VAL A 77 -7.39 -26.93 23.46
C VAL A 77 -7.75 -28.25 22.77
N LYS A 78 -7.95 -29.29 23.56
CA LYS A 78 -8.36 -30.64 23.10
C LYS A 78 -9.62 -30.67 22.20
N ARG A 79 -10.54 -29.74 22.45
CA ARG A 79 -11.81 -29.70 21.75
C ARG A 79 -11.68 -29.17 20.31
N ALA A 80 -12.64 -29.58 19.47
CA ALA A 80 -12.74 -29.07 18.11
C ALA A 80 -13.12 -27.58 18.14
N PRO A 81 -12.36 -26.74 17.41
CA PRO A 81 -12.51 -25.30 17.43
C PRO A 81 -13.95 -24.91 17.12
N SER A 82 -14.48 -23.91 17.80
CA SER A 82 -15.86 -23.51 17.52
C SER A 82 -16.01 -22.32 16.62
N THR A 83 -16.73 -22.53 15.51
CA THR A 83 -17.13 -21.41 14.68
C THR A 83 -17.77 -20.28 15.50
N TRP A 84 -18.84 -20.57 16.25
CA TRP A 84 -19.47 -19.48 17.00
C TRP A 84 -18.50 -18.78 17.95
N LEU A 85 -17.82 -19.54 18.80
CA LEU A 85 -17.00 -18.96 19.83
C LEU A 85 -15.94 -18.05 19.21
N THR A 86 -15.21 -18.57 18.22
CA THR A 86 -14.23 -17.77 17.48
C THR A 86 -14.88 -16.43 17.10
N ALA A 87 -15.99 -16.48 16.38
CA ALA A 87 -16.72 -15.28 16.00
C ALA A 87 -16.99 -14.44 17.21
N TYR A 88 -17.37 -15.08 18.30
CA TYR A 88 -17.75 -14.28 19.47
C TYR A 88 -16.55 -13.54 20.03
N VAL A 89 -15.40 -14.22 20.05
CA VAL A 89 -14.17 -13.66 20.60
C VAL A 89 -13.75 -12.43 19.80
N VAL A 90 -13.79 -12.57 18.47
CA VAL A 90 -13.44 -11.48 17.61
C VAL A 90 -14.34 -10.31 17.91
N LYS A 91 -15.60 -10.62 18.19
CA LYS A 91 -16.62 -9.62 18.34
C LYS A 91 -16.23 -8.83 19.56
N VAL A 92 -15.86 -9.55 20.62
CA VAL A 92 -15.62 -8.94 21.90
C VAL A 92 -14.36 -8.14 21.85
N PHE A 93 -13.31 -8.73 21.32
CA PHE A 93 -12.05 -8.02 21.23
C PHE A 93 -12.22 -6.73 20.42
N SER A 94 -12.85 -6.84 19.25
CA SER A 94 -13.13 -5.67 18.45
C SER A 94 -13.72 -4.57 19.30
N LEU A 95 -14.57 -4.92 20.24
CA LEU A 95 -15.10 -3.87 21.07
C LEU A 95 -14.09 -3.50 22.17
N ALA A 96 -13.53 -4.51 22.82
CA ALA A 96 -12.45 -4.34 23.78
C ALA A 96 -11.30 -3.42 23.35
N VAL A 97 -10.87 -3.51 22.08
CA VAL A 97 -9.76 -2.68 21.60
C VAL A 97 -10.01 -1.16 21.82
N ASN A 98 -11.26 -0.76 22.04
CA ASN A 98 -11.55 0.60 22.47
C ASN A 98 -10.97 0.98 23.83
N LEU A 99 -10.57 -0.03 24.60
CA LEU A 99 -10.26 0.16 26.02
C LEU A 99 -8.84 -0.34 26.29
N ILE A 100 -8.55 -1.54 25.79
CA ILE A 100 -7.20 -2.11 25.85
C ILE A 100 -6.63 -2.38 24.45
N ALA A 101 -5.34 -2.08 24.29
CA ALA A 101 -4.59 -2.49 23.14
C ALA A 101 -4.72 -4.00 22.96
N ILE A 102 -4.76 -4.48 21.72
CA ILE A 102 -4.81 -5.92 21.43
C ILE A 102 -3.78 -6.28 20.39
N ASP A 103 -3.46 -7.56 20.31
CA ASP A 103 -2.63 -8.09 19.26
C ASP A 103 -3.47 -8.44 18.04
N SER A 104 -3.37 -7.63 16.98
CA SER A 104 -4.18 -7.85 15.76
C SER A 104 -3.94 -9.17 15.02
N GLN A 105 -2.81 -9.83 15.23
CA GLN A 105 -2.58 -11.14 14.62
C GLN A 105 -3.54 -12.16 15.22
N VAL A 106 -3.70 -12.12 16.54
CA VAL A 106 -4.69 -12.95 17.24
C VAL A 106 -6.06 -12.87 16.55
N LEU A 107 -6.54 -11.63 16.46
CA LEU A 107 -7.84 -11.27 15.90
C LEU A 107 -7.91 -11.57 14.39
N CYS A 108 -6.94 -11.08 13.63
CA CYS A 108 -6.96 -11.30 12.19
C CYS A 108 -6.78 -12.76 11.79
N GLY A 109 -5.97 -13.52 12.54
CA GLY A 109 -5.87 -14.97 12.38
C GLY A 109 -7.23 -15.62 12.61
N ALA A 110 -7.91 -15.17 13.65
CA ALA A 110 -9.21 -15.70 13.97
C ALA A 110 -10.19 -15.52 12.79
N VAL A 111 -10.11 -14.35 12.16
CA VAL A 111 -11.03 -14.02 11.08
C VAL A 111 -10.71 -14.84 9.86
N LYS A 112 -9.42 -14.90 9.51
CA LYS A 112 -8.92 -15.67 8.36
C LYS A 112 -9.28 -17.13 8.57
N TRP A 113 -9.32 -17.57 9.81
CA TRP A 113 -9.78 -18.93 10.07
C TRP A 113 -11.25 -19.15 9.69
N LEU A 114 -12.13 -18.30 10.22
CA LEU A 114 -13.56 -18.32 9.91
C LEU A 114 -13.86 -18.28 8.43
N ILE A 115 -13.06 -17.50 7.70
CA ILE A 115 -13.29 -17.37 6.29
C ILE A 115 -12.89 -18.61 5.51
N LEU A 116 -11.64 -19.06 5.65
CA LEU A 116 -11.12 -20.06 4.76
C LEU A 116 -11.51 -21.45 5.17
N GLU A 117 -11.97 -21.60 6.41
CA GLU A 117 -12.33 -22.93 6.92
C GLU A 117 -13.82 -23.14 7.09
N LYS A 118 -14.54 -22.10 7.45
CA LYS A 118 -15.90 -22.29 7.91
C LYS A 118 -16.95 -21.55 7.12
N GLN A 119 -16.55 -20.91 6.04
CA GLN A 119 -17.55 -20.31 5.19
C GLN A 119 -17.77 -21.19 3.98
N LYS A 120 -19.04 -21.45 3.68
CA LYS A 120 -19.38 -22.30 2.55
C LYS A 120 -19.20 -21.59 1.19
N PRO A 121 -19.24 -22.36 0.08
CA PRO A 121 -19.12 -21.73 -1.23
C PRO A 121 -20.28 -20.77 -1.43
N ASP A 122 -21.46 -21.14 -0.92
CA ASP A 122 -22.63 -20.32 -1.09
C ASP A 122 -22.61 -19.07 -0.20
N GLY A 123 -21.84 -19.12 0.88
CA GLY A 123 -21.63 -17.92 1.69
C GLY A 123 -22.00 -17.99 3.15
N VAL A 124 -22.56 -19.11 3.59
CA VAL A 124 -22.93 -19.36 5.00
C VAL A 124 -21.73 -19.76 5.86
N PHE A 125 -21.77 -19.39 7.13
CA PHE A 125 -20.78 -19.91 8.04
C PHE A 125 -21.32 -21.13 8.76
N GLN A 126 -20.58 -22.25 8.64
CA GLN A 126 -20.97 -23.55 9.22
C GLN A 126 -20.31 -23.79 10.56
N GLU A 127 -21.09 -24.32 11.49
CA GLU A 127 -20.60 -24.64 12.82
C GLU A 127 -20.27 -26.09 12.85
N ASP A 128 -19.08 -26.44 13.32
CA ASP A 128 -18.70 -27.84 13.39
C ASP A 128 -18.68 -28.35 14.84
N ALA A 129 -18.23 -27.53 15.77
CA ALA A 129 -18.27 -27.90 17.20
C ALA A 129 -19.08 -26.93 18.08
N PRO A 130 -20.40 -27.18 18.19
CA PRO A 130 -21.27 -26.33 19.04
C PRO A 130 -20.65 -26.08 20.41
N VAL A 131 -20.77 -24.85 20.91
CA VAL A 131 -20.22 -24.47 22.22
C VAL A 131 -20.90 -25.22 23.36
N ILE A 132 -20.13 -25.63 24.36
CA ILE A 132 -20.69 -26.39 25.49
C ILE A 132 -21.77 -25.62 26.23
N HIS A 133 -21.49 -24.35 26.53
CA HIS A 133 -22.39 -23.51 27.30
C HIS A 133 -23.39 -22.86 26.37
N GLN A 134 -24.35 -23.67 25.92
CA GLN A 134 -25.33 -23.25 24.93
C GLN A 134 -26.10 -21.99 25.31
N GLU A 135 -26.06 -21.63 26.59
CA GLU A 135 -26.85 -20.51 27.09
C GLU A 135 -26.26 -19.17 26.74
N MET A 136 -24.95 -19.13 26.49
CA MET A 136 -24.19 -17.91 26.23
C MET A 136 -24.39 -17.44 24.80
N ILE A 137 -24.80 -18.32 23.92
CA ILE A 137 -24.97 -17.93 22.52
C ILE A 137 -26.22 -17.10 22.22
N GLY A 138 -26.94 -16.73 23.27
CA GLY A 138 -28.18 -16.00 23.08
C GLY A 138 -29.16 -16.72 22.18
N GLY A 139 -29.91 -15.93 21.40
CA GLY A 139 -31.01 -16.43 20.57
C GLY A 139 -30.70 -17.46 19.51
N LEU A 140 -29.42 -17.64 19.20
CA LEU A 140 -29.06 -18.68 18.25
C LEU A 140 -29.33 -20.04 18.80
N ARG A 141 -29.67 -20.07 20.09
CA ARG A 141 -29.92 -21.34 20.78
C ARG A 141 -31.12 -22.07 20.18
N ASN A 142 -32.08 -21.28 19.71
CA ASN A 142 -33.18 -21.77 18.87
C ASN A 142 -32.69 -22.35 17.55
N ASN A 143 -33.14 -23.58 17.22
CA ASN A 143 -32.79 -24.25 15.96
C ASN A 143 -33.13 -23.47 14.70
N ASN A 144 -34.39 -23.05 14.62
CA ASN A 144 -34.96 -22.49 13.39
C ASN A 144 -34.20 -21.34 12.76
N GLU A 145 -33.97 -21.50 11.46
CA GLU A 145 -33.36 -20.48 10.64
C GLU A 145 -31.86 -20.33 10.98
N LYS A 146 -31.28 -21.40 11.55
CA LYS A 146 -29.91 -21.38 12.13
C LYS A 146 -28.78 -20.93 11.21
N ASP A 147 -28.84 -21.33 9.94
CA ASP A 147 -27.88 -20.90 8.94
C ASP A 147 -27.91 -19.39 8.94
N MET A 148 -29.06 -18.84 8.57
CA MET A 148 -29.23 -17.42 8.49
C MET A 148 -28.75 -16.71 9.76
N ALA A 149 -29.20 -17.16 10.94
CA ALA A 149 -28.78 -16.56 12.23
C ALA A 149 -27.27 -16.64 12.48
N LEU A 150 -26.69 -17.83 12.49
CA LEU A 150 -25.24 -17.96 12.62
C LEU A 150 -24.51 -17.17 11.54
N THR A 151 -25.03 -17.17 10.31
CA THR A 151 -24.34 -16.40 9.32
C THR A 151 -24.35 -14.93 9.69
N ALA A 152 -25.46 -14.44 10.23
CA ALA A 152 -25.52 -13.04 10.69
C ALA A 152 -24.54 -12.74 11.84
N PHE A 153 -24.40 -13.69 12.76
CA PHE A 153 -23.55 -13.48 13.91
C PHE A 153 -22.11 -13.24 13.45
N VAL A 154 -21.64 -14.13 12.57
CA VAL A 154 -20.28 -14.05 12.07
C VAL A 154 -20.07 -12.78 11.28
N LEU A 155 -21.01 -12.48 10.41
CA LEU A 155 -20.92 -11.28 9.62
C LEU A 155 -20.73 -10.06 10.53
N ILE A 156 -21.61 -9.91 11.51
CA ILE A 156 -21.51 -8.78 12.42
C ILE A 156 -20.12 -8.68 13.09
N SER A 157 -19.48 -9.82 13.27
CA SER A 157 -18.14 -9.83 13.79
C SER A 157 -17.18 -9.40 12.73
N LEU A 158 -17.31 -9.96 11.52
CA LEU A 158 -16.36 -9.63 10.49
C LEU A 158 -16.46 -8.18 10.09
N GLN A 159 -17.64 -7.57 10.21
CA GLN A 159 -17.77 -6.14 9.92
C GLN A 159 -17.15 -5.33 11.06
N GLU A 160 -17.45 -5.75 12.28
CA GLU A 160 -16.92 -5.11 13.46
C GLU A 160 -15.38 -5.15 13.48
N ALA A 161 -14.80 -6.13 12.77
CA ALA A 161 -13.34 -6.33 12.74
C ALA A 161 -12.72 -5.92 11.41
N LYS A 162 -13.60 -5.64 10.45
CA LYS A 162 -13.27 -5.29 9.07
C LYS A 162 -12.15 -4.25 9.03
N ASP A 163 -12.33 -3.17 9.79
CA ASP A 163 -11.44 -2.01 9.70
C ASP A 163 -10.05 -2.23 10.30
N ILE A 164 -9.89 -3.29 11.06
CA ILE A 164 -8.60 -3.62 11.64
C ILE A 164 -7.89 -4.55 10.69
N CYS A 165 -8.62 -5.56 10.22
CA CYS A 165 -8.02 -6.70 9.55
C CYS A 165 -7.99 -6.64 8.05
N GLU A 166 -8.24 -5.48 7.46
CA GLU A 166 -8.51 -5.45 6.01
C GLU A 166 -7.29 -5.79 5.16
N GLU A 167 -6.15 -5.22 5.51
CA GLU A 167 -4.93 -5.48 4.77
C GLU A 167 -4.41 -6.92 5.04
N GLN A 168 -4.48 -7.37 6.29
CA GLN A 168 -3.94 -8.69 6.65
C GLN A 168 -4.69 -9.88 6.05
N VAL A 169 -6.02 -9.85 6.11
CA VAL A 169 -6.84 -10.94 5.59
C VAL A 169 -7.36 -10.56 4.23
N ASN A 170 -6.76 -11.13 3.19
CA ASN A 170 -7.06 -10.71 1.82
C ASN A 170 -8.37 -11.21 1.24
N SER A 171 -8.96 -12.19 1.88
CA SER A 171 -10.22 -12.72 1.44
C SER A 171 -11.41 -12.01 2.10
N LEU A 172 -11.14 -11.18 3.10
CA LEU A 172 -12.21 -10.60 3.91
C LEU A 172 -13.29 -9.78 3.20
N PRO A 173 -12.93 -8.87 2.27
CA PRO A 173 -14.03 -8.17 1.63
C PRO A 173 -14.92 -9.13 0.85
N GLY A 174 -14.30 -10.12 0.21
CA GLY A 174 -15.02 -11.16 -0.53
C GLY A 174 -16.05 -11.86 0.33
N SER A 175 -15.60 -12.32 1.48
CA SER A 175 -16.44 -12.99 2.48
C SER A 175 -17.65 -12.17 2.90
N ILE A 176 -17.41 -10.96 3.42
CA ILE A 176 -18.49 -10.04 3.75
C ILE A 176 -19.55 -10.02 2.65
N THR A 177 -19.09 -9.82 1.42
CA THR A 177 -19.97 -9.82 0.28
C THR A 177 -20.78 -11.10 0.23
N LYS A 178 -20.06 -12.23 0.15
CA LYS A 178 -20.67 -13.56 -0.04
C LYS A 178 -21.65 -13.91 1.05
N ALA A 179 -21.43 -13.37 2.25
CA ALA A 179 -22.36 -13.57 3.34
C ALA A 179 -23.59 -12.69 3.13
N GLY A 180 -23.40 -11.37 3.15
CA GLY A 180 -24.48 -10.43 2.87
C GLY A 180 -25.34 -10.85 1.69
N ASP A 181 -24.70 -11.33 0.64
CA ASP A 181 -25.36 -11.99 -0.47
C ASP A 181 -26.42 -12.93 0.14
N PHE A 182 -25.99 -14.12 0.53
CA PHE A 182 -26.84 -15.11 1.21
C PHE A 182 -27.95 -14.53 2.12
N LEU A 183 -27.62 -13.53 2.92
CA LEU A 183 -28.62 -12.99 3.84
C LEU A 183 -29.73 -12.29 3.08
N GLU A 184 -29.39 -11.63 1.98
CA GLU A 184 -30.39 -10.94 1.17
C GLU A 184 -31.39 -11.93 0.66
N ALA A 185 -30.86 -12.99 0.08
CA ALA A 185 -31.69 -13.96 -0.59
C ALA A 185 -32.75 -14.57 0.33
N ASN A 186 -32.38 -14.85 1.56
CA ASN A 186 -33.26 -15.58 2.46
C ASN A 186 -33.94 -14.70 3.48
N TYR A 187 -33.62 -13.41 3.45
CA TYR A 187 -34.16 -12.47 4.38
C TYR A 187 -35.67 -12.34 4.28
N MET A 188 -36.18 -12.32 3.06
CA MET A 188 -37.59 -12.17 2.87
C MET A 188 -38.35 -13.33 3.46
N ASN A 189 -37.66 -14.46 3.65
CA ASN A 189 -38.29 -15.69 4.14
C ASN A 189 -38.30 -15.91 5.63
N LEU A 190 -37.60 -15.06 6.35
CA LEU A 190 -37.44 -15.19 7.79
C LEU A 190 -38.74 -15.22 8.58
N GLN A 191 -38.72 -15.99 9.64
CA GLN A 191 -39.91 -16.16 10.48
C GLN A 191 -39.76 -15.49 11.84
N ARG A 192 -38.60 -15.67 12.46
CA ARG A 192 -38.35 -15.14 13.77
C ARG A 192 -38.01 -13.65 13.72
N SER A 193 -38.60 -12.90 14.65
CA SER A 193 -38.24 -11.50 14.90
C SER A 193 -36.77 -11.43 15.19
N TYR A 194 -36.28 -12.40 15.96
CA TYR A 194 -34.89 -12.48 16.29
C TYR A 194 -34.00 -12.40 15.07
N THR A 195 -34.21 -13.33 14.15
CA THR A 195 -33.39 -13.39 12.97
C THR A 195 -33.55 -12.11 12.16
N VAL A 196 -34.79 -11.68 11.90
CA VAL A 196 -35.04 -10.40 11.19
C VAL A 196 -34.19 -9.26 11.75
N ALA A 197 -34.07 -9.24 13.07
CA ALA A 197 -33.25 -8.26 13.75
C ALA A 197 -31.74 -8.43 13.46
N ILE A 198 -31.15 -9.55 13.87
CA ILE A 198 -29.70 -9.73 13.71
C ILE A 198 -29.25 -9.56 12.25
N ALA A 199 -29.92 -10.29 11.35
CA ALA A 199 -29.60 -10.23 9.94
C ALA A 199 -29.80 -8.80 9.48
N GLY A 200 -30.81 -8.13 10.04
CA GLY A 200 -31.12 -6.75 9.69
C GLY A 200 -29.93 -5.85 9.93
N TYR A 201 -29.39 -5.89 11.14
CA TYR A 201 -28.22 -5.12 11.47
C TYR A 201 -27.04 -5.54 10.58
N ALA A 202 -26.83 -6.83 10.45
CA ALA A 202 -25.81 -7.34 9.56
C ALA A 202 -25.90 -6.67 8.20
N LEU A 203 -27.07 -6.68 7.59
CA LEU A 203 -27.22 -5.99 6.32
C LEU A 203 -27.32 -4.45 6.43
N ALA A 204 -27.62 -3.93 7.62
CA ALA A 204 -27.71 -2.48 7.77
C ALA A 204 -26.30 -1.92 7.66
N GLN A 205 -25.35 -2.58 8.31
CA GLN A 205 -23.96 -2.14 8.28
C GLN A 205 -23.46 -2.14 6.86
N MET A 206 -24.08 -2.99 6.05
CA MET A 206 -23.76 -3.13 4.63
C MET A 206 -24.54 -2.27 3.63
N GLY A 207 -25.37 -1.34 4.08
CA GLY A 207 -26.21 -0.54 3.19
C GLY A 207 -27.09 -1.37 2.25
N ARG A 208 -27.48 -2.55 2.73
CA ARG A 208 -28.26 -3.48 1.93
C ARG A 208 -29.69 -3.62 2.41
N LEU A 209 -29.94 -3.21 3.65
CA LEU A 209 -31.29 -3.18 4.18
C LEU A 209 -32.05 -1.97 3.60
N LYS A 210 -32.77 -2.23 2.50
CA LYS A 210 -33.62 -1.22 1.89
C LYS A 210 -34.84 -1.79 1.11
N GLY A 211 -35.64 -0.90 0.51
CA GLY A 211 -36.88 -1.33 -0.16
C GLY A 211 -37.71 -2.27 0.70
N PRO A 212 -38.18 -3.39 0.11
CA PRO A 212 -39.05 -4.39 0.75
C PRO A 212 -38.39 -5.08 1.94
N LEU A 213 -37.06 -5.04 1.98
CA LEU A 213 -36.30 -5.60 3.10
C LEU A 213 -36.39 -4.70 4.31
N LEU A 214 -36.00 -3.44 4.16
CA LEU A 214 -36.19 -2.46 5.22
C LEU A 214 -37.62 -2.58 5.71
N ASN A 215 -38.57 -2.59 4.78
CA ASN A 215 -39.95 -2.75 5.17
C ASN A 215 -40.21 -4.01 6.03
N LYS A 216 -39.63 -5.14 5.67
CA LYS A 216 -39.93 -6.38 6.39
C LYS A 216 -39.56 -6.18 7.83
N PHE A 217 -38.29 -5.78 8.01
CA PHE A 217 -37.66 -5.42 9.27
C PHE A 217 -38.52 -4.50 10.14
N LEU A 218 -38.83 -3.30 9.65
CA LEU A 218 -39.61 -2.35 10.42
C LEU A 218 -40.95 -2.90 10.80
N THR A 219 -41.68 -3.49 9.87
CA THR A 219 -43.01 -4.04 10.17
C THR A 219 -43.01 -5.31 11.04
N THR A 220 -41.85 -5.92 11.26
CA THR A 220 -41.73 -7.02 12.21
C THR A 220 -41.81 -6.54 13.66
N ALA A 221 -41.51 -5.28 13.90
CA ALA A 221 -41.55 -4.75 15.25
C ALA A 221 -42.96 -4.78 15.81
N LYS A 222 -43.10 -5.33 17.01
CA LYS A 222 -44.35 -5.29 17.75
C LYS A 222 -44.46 -3.94 18.48
N ASP A 223 -45.36 -3.08 18.01
CA ASP A 223 -45.62 -1.73 18.61
C ASP A 223 -44.61 -0.69 18.15
N LYS A 224 -44.02 -0.92 16.98
CA LYS A 224 -43.03 -0.01 16.44
C LYS A 224 -41.88 0.26 17.42
N ASN A 225 -41.50 -0.74 18.21
CA ASN A 225 -40.61 -0.49 19.33
C ASN A 225 -39.84 -1.67 19.94
N ARG A 226 -40.10 -2.88 19.48
CA ARG A 226 -39.44 -4.09 20.01
C ARG A 226 -39.58 -5.30 19.09
N TRP A 227 -38.57 -6.16 19.09
CA TRP A 227 -38.56 -7.32 18.19
C TRP A 227 -38.74 -8.59 18.98
N GLU A 228 -39.96 -9.08 19.06
CA GLU A 228 -40.28 -10.15 20.01
C GLU A 228 -40.82 -11.47 19.43
N ASP A 229 -40.70 -12.52 20.23
CA ASP A 229 -41.16 -13.87 19.91
C ASP A 229 -41.36 -14.57 21.26
N PRO A 230 -42.41 -15.45 21.37
CA PRO A 230 -42.70 -16.40 22.46
C PRO A 230 -41.52 -17.05 23.21
N GLY A 231 -40.28 -16.83 22.78
CA GLY A 231 -39.06 -17.24 23.52
C GLY A 231 -38.87 -16.59 24.91
N LYS A 232 -37.91 -15.65 25.01
CA LYS A 232 -37.53 -15.06 26.32
C LYS A 232 -37.32 -13.54 26.32
N GLN A 233 -37.52 -12.92 27.48
CA GLN A 233 -37.11 -11.53 27.73
C GLN A 233 -35.70 -11.25 27.20
N LEU A 234 -34.80 -12.23 27.29
CA LEU A 234 -33.42 -12.00 26.89
C LEU A 234 -33.23 -12.00 25.39
N TYR A 235 -33.85 -12.97 24.69
CA TYR A 235 -33.77 -13.05 23.23
C TYR A 235 -34.21 -11.71 22.67
N ASN A 236 -35.36 -11.26 23.17
CA ASN A 236 -36.01 -10.02 22.77
C ASN A 236 -35.18 -8.79 23.04
N VAL A 237 -34.56 -8.73 24.20
CA VAL A 237 -33.64 -7.65 24.48
C VAL A 237 -32.51 -7.67 23.46
N GLU A 238 -31.88 -8.84 23.33
CA GLU A 238 -30.84 -9.08 22.33
C GLU A 238 -31.32 -8.67 20.95
N ALA A 239 -32.40 -9.33 20.49
CA ALA A 239 -33.00 -9.03 19.22
C ALA A 239 -33.21 -7.53 19.02
N THR A 240 -33.72 -6.87 20.05
CA THR A 240 -34.03 -5.46 19.94
C THR A 240 -32.75 -4.63 19.86
N SER A 241 -31.76 -5.00 20.66
CA SER A 241 -30.51 -4.28 20.66
C SER A 241 -29.92 -4.31 19.25
N TYR A 242 -30.00 -5.45 18.59
CA TYR A 242 -29.46 -5.52 17.25
C TYR A 242 -30.23 -4.52 16.45
N ALA A 243 -31.56 -4.69 16.48
CA ALA A 243 -32.48 -3.81 15.74
C ALA A 243 -32.18 -2.33 15.96
N LEU A 244 -31.98 -1.95 17.23
CA LEU A 244 -31.59 -0.58 17.54
C LEU A 244 -30.34 -0.23 16.78
N LEU A 245 -29.29 -1.06 16.91
CA LEU A 245 -28.03 -0.82 16.19
C LEU A 245 -28.30 -0.64 14.70
N ALA A 246 -29.20 -1.47 14.17
CA ALA A 246 -29.52 -1.43 12.76
C ALA A 246 -30.14 -0.10 12.40
N LEU A 247 -31.06 0.36 13.25
CA LEU A 247 -31.71 1.65 13.04
C LEU A 247 -30.69 2.78 13.02
N LEU A 248 -29.65 2.65 13.84
CA LEU A 248 -28.66 3.69 13.97
C LEU A 248 -27.85 3.75 12.73
N GLN A 249 -27.68 2.60 12.11
CA GLN A 249 -26.87 2.45 10.93
C GLN A 249 -27.58 3.03 9.72
N LEU A 250 -28.90 2.87 9.66
CA LEU A 250 -29.71 3.47 8.62
C LEU A 250 -29.96 4.94 8.86
N LYS A 251 -29.76 5.36 10.11
CA LYS A 251 -30.09 6.70 10.59
C LYS A 251 -31.56 7.06 10.45
N ASP A 252 -32.46 6.16 10.83
CA ASP A 252 -33.89 6.50 10.88
C ASP A 252 -34.20 6.95 12.30
N PHE A 253 -33.60 8.07 12.69
CA PHE A 253 -33.72 8.59 14.05
C PHE A 253 -35.18 8.85 14.45
N ASP A 254 -36.05 8.89 13.44
CA ASP A 254 -37.47 9.23 13.57
C ASP A 254 -38.28 8.04 14.11
N PHE A 255 -37.62 6.91 14.33
CA PHE A 255 -38.27 5.62 14.64
C PHE A 255 -37.54 4.98 15.83
N VAL A 256 -36.39 5.56 16.14
CA VAL A 256 -35.48 5.06 17.16
C VAL A 256 -35.96 5.22 18.62
N PRO A 257 -36.38 6.43 19.04
CA PRO A 257 -36.59 6.69 20.46
C PRO A 257 -37.57 5.75 21.19
N PRO A 258 -38.74 5.44 20.59
CA PRO A 258 -39.62 4.44 21.21
C PRO A 258 -38.96 3.07 21.38
N VAL A 259 -37.93 2.80 20.59
CA VAL A 259 -37.18 1.56 20.75
C VAL A 259 -36.34 1.72 21.99
N VAL A 260 -35.45 2.71 21.99
CA VAL A 260 -34.58 2.97 23.13
C VAL A 260 -35.43 2.90 24.38
N ARG A 261 -36.50 3.69 24.41
CA ARG A 261 -37.46 3.71 25.52
C ARG A 261 -37.69 2.30 26.06
N TRP A 262 -38.20 1.41 25.21
CA TRP A 262 -38.50 0.05 25.60
C TRP A 262 -37.29 -0.60 26.24
N LEU A 263 -36.15 -0.54 25.56
CA LEU A 263 -34.93 -1.17 26.05
C LEU A 263 -34.62 -0.68 27.44
N ASN A 264 -34.56 0.65 27.58
CA ASN A 264 -34.46 1.33 28.88
C ASN A 264 -35.46 0.80 29.89
N GLU A 265 -36.71 0.68 29.47
CA GLU A 265 -37.82 0.31 30.36
C GLU A 265 -37.81 -1.12 30.89
N GLN A 266 -36.82 -1.92 30.47
CA GLN A 266 -36.80 -3.35 30.81
C GLN A 266 -36.27 -3.67 32.20
N ARG A 267 -35.72 -2.67 32.89
CA ARG A 267 -35.21 -2.89 34.24
C ARG A 267 -34.13 -3.98 34.22
N TYR A 268 -33.48 -4.13 33.07
CA TYR A 268 -32.46 -5.17 32.94
C TYR A 268 -31.07 -4.58 32.83
N TYR A 269 -30.16 -5.15 33.62
CA TYR A 269 -28.87 -4.54 33.88
C TYR A 269 -27.73 -5.54 33.68
N GLY A 270 -27.89 -6.44 32.73
CA GLY A 270 -26.91 -7.51 32.47
C GLY A 270 -26.81 -8.54 33.58
N GLY A 271 -26.11 -9.63 33.31
CA GLY A 271 -25.82 -10.61 34.36
C GLY A 271 -26.85 -11.72 34.48
N GLY A 272 -26.35 -12.93 34.72
CA GLY A 272 -27.19 -14.11 34.89
C GLY A 272 -26.91 -15.25 33.92
N TYR A 273 -27.70 -16.31 34.05
CA TYR A 273 -27.60 -17.44 33.16
C TYR A 273 -28.20 -17.03 31.82
N GLY A 274 -27.46 -17.27 30.72
CA GLY A 274 -27.93 -16.95 29.37
C GLY A 274 -27.70 -15.51 28.96
N SER A 275 -27.32 -14.69 29.94
CA SER A 275 -27.24 -13.24 29.82
C SER A 275 -26.16 -12.66 28.89
N THR A 276 -25.22 -13.49 28.44
CA THR A 276 -24.01 -13.03 27.76
C THR A 276 -24.36 -12.22 26.56
N GLN A 277 -25.20 -12.78 25.70
CA GLN A 277 -25.57 -12.08 24.50
C GLN A 277 -26.43 -10.88 24.85
N ALA A 278 -27.46 -11.10 25.64
CA ALA A 278 -28.30 -9.97 26.04
C ALA A 278 -27.50 -8.85 26.69
N THR A 279 -26.50 -9.16 27.51
CA THR A 279 -25.73 -8.10 28.13
C THR A 279 -24.96 -7.34 27.07
N PHE A 280 -24.12 -8.07 26.34
CA PHE A 280 -23.19 -7.48 25.39
C PHE A 280 -23.91 -6.63 24.36
N MET A 281 -25.04 -7.12 23.86
CA MET A 281 -25.76 -6.38 22.85
C MET A 281 -26.43 -5.15 23.39
N VAL A 282 -27.10 -5.28 24.53
CA VAL A 282 -27.90 -4.17 25.02
C VAL A 282 -27.05 -2.95 25.40
N PHE A 283 -25.89 -3.17 26.00
CA PHE A 283 -25.07 -2.02 26.32
C PHE A 283 -24.30 -1.50 25.14
N GLN A 284 -23.87 -2.40 24.24
CA GLN A 284 -23.31 -1.97 22.96
C GLN A 284 -24.28 -1.05 22.26
N ALA A 285 -25.48 -1.55 22.00
CA ALA A 285 -26.56 -0.77 21.38
C ALA A 285 -26.81 0.57 22.08
N LEU A 286 -27.10 0.53 23.37
CA LEU A 286 -27.40 1.75 24.08
C LEU A 286 -26.30 2.80 24.02
N ALA A 287 -25.03 2.38 24.06
CA ALA A 287 -23.93 3.34 24.06
C ALA A 287 -23.77 3.98 22.69
N GLN A 288 -23.91 3.15 21.66
CA GLN A 288 -23.91 3.60 20.29
C GLN A 288 -24.92 4.72 20.23
N TYR A 289 -26.11 4.45 20.75
CA TYR A 289 -27.13 5.46 20.76
C TYR A 289 -26.69 6.80 21.39
N GLN A 290 -25.99 6.75 22.53
CA GLN A 290 -25.51 7.96 23.20
C GLN A 290 -24.57 8.75 22.31
N LYS A 291 -23.60 8.04 21.74
CA LYS A 291 -22.60 8.63 20.84
C LYS A 291 -23.30 9.43 19.77
N ASP A 292 -24.46 8.93 19.34
CA ASP A 292 -25.12 9.35 18.11
C ASP A 292 -26.32 10.23 18.37
N ALA A 293 -26.63 10.39 19.66
CA ALA A 293 -27.74 11.20 20.18
C ALA A 293 -27.64 12.65 19.69
N PRO A 294 -28.51 13.04 18.71
CA PRO A 294 -28.38 14.32 17.99
C PRO A 294 -28.84 15.51 18.84
N GLY B 2 11.31 -7.67 20.38
CA GLY B 2 10.93 -7.74 18.95
C GLY B 2 10.88 -6.35 18.35
N ILE B 3 10.41 -6.22 17.10
CA ILE B 3 10.26 -4.90 16.45
C ILE B 3 9.11 -4.15 17.17
N SER B 4 9.31 -2.85 17.42
CA SER B 4 8.47 -2.08 18.37
C SER B 4 8.22 -0.61 18.00
N CYS B 5 7.00 -0.14 18.22
CA CYS B 5 6.61 1.23 17.80
C CYS B 5 6.85 2.32 18.84
N GLY B 6 6.88 3.58 18.38
CA GLY B 6 6.88 4.74 19.29
C GLY B 6 5.51 4.95 19.95
N SER B 7 5.33 6.05 20.66
CA SER B 7 4.00 6.32 21.22
C SER B 7 3.03 6.67 20.09
N PRO B 8 1.74 6.36 20.27
CA PRO B 8 0.78 6.79 19.27
C PRO B 8 0.53 8.27 19.43
N PRO B 9 0.27 8.97 18.33
CA PRO B 9 -0.23 10.33 18.42
C PRO B 9 -1.23 10.50 19.56
N PRO B 10 -1.14 11.60 20.28
CA PRO B 10 -2.19 11.83 21.22
C PRO B 10 -3.38 12.34 20.43
N ILE B 11 -4.57 12.29 21.02
CA ILE B 11 -5.74 12.90 20.43
C ILE B 11 -6.33 13.91 21.40
N LEU B 12 -6.45 15.14 20.94
CA LEU B 12 -7.00 16.24 21.74
C LEU B 12 -8.52 16.11 21.86
N ASN B 13 -9.01 16.14 23.10
CA ASN B 13 -10.43 15.91 23.40
C ASN B 13 -10.94 14.46 23.17
N GLY B 14 -10.03 13.48 23.21
CA GLY B 14 -10.42 12.08 22.97
C GLY B 14 -9.84 11.13 23.99
N ARG B 15 -9.75 9.85 23.65
CA ARG B 15 -9.10 8.83 24.48
C ARG B 15 -8.39 7.85 23.55
N ILE B 16 -7.51 7.05 24.13
CA ILE B 16 -6.78 6.03 23.40
C ILE B 16 -6.87 4.77 24.25
N SER B 17 -6.81 3.60 23.62
CA SER B 17 -6.80 2.35 24.40
C SER B 17 -5.64 2.36 25.37
N TYR B 18 -5.73 1.55 26.41
CA TYR B 18 -4.69 1.55 27.40
C TYR B 18 -3.79 0.41 27.09
N TYR B 19 -2.56 0.73 26.74
CA TYR B 19 -1.56 -0.27 26.48
C TYR B 19 -0.50 -0.24 27.58
N SER B 20 0.64 -0.91 27.35
CA SER B 20 1.83 -0.73 28.20
C SER B 20 3.08 -1.16 27.45
N THR B 21 4.05 -0.26 27.41
CA THR B 21 5.25 -0.39 26.62
C THR B 21 6.13 -1.55 27.12
N PRO B 22 6.89 -2.20 26.21
CA PRO B 22 7.04 -1.85 24.77
C PRO B 22 5.79 -2.21 23.94
N ILE B 23 5.56 -1.48 22.84
CA ILE B 23 4.48 -1.82 21.92
C ILE B 23 4.98 -2.77 20.85
N ALA B 24 4.45 -3.98 20.83
CA ALA B 24 4.86 -4.97 19.83
C ALA B 24 4.24 -4.69 18.46
N VAL B 25 4.92 -5.14 17.40
CA VAL B 25 4.40 -5.00 16.06
C VAL B 25 3.09 -5.77 15.95
N GLY B 26 2.09 -5.18 15.30
CA GLY B 26 0.79 -5.81 15.12
C GLY B 26 -0.20 -5.49 16.24
N THR B 27 0.02 -4.38 16.93
CA THR B 27 -0.80 -4.05 18.06
C THR B 27 -1.84 -3.05 17.62
N VAL B 28 -3.11 -3.37 17.78
CA VAL B 28 -4.13 -2.36 17.50
C VAL B 28 -4.39 -1.51 18.70
N ILE B 29 -4.71 -0.24 18.42
CA ILE B 29 -5.35 0.64 19.38
C ILE B 29 -6.44 1.43 18.66
N ARG B 30 -7.54 1.72 19.35
CA ARG B 30 -8.59 2.56 18.77
C ARG B 30 -8.55 3.91 19.42
N TYR B 31 -9.15 4.88 18.74
CA TYR B 31 -9.34 6.20 19.27
C TYR B 31 -10.82 6.44 19.36
N SER B 32 -11.26 7.05 20.45
CA SER B 32 -12.62 7.59 20.50
C SER B 32 -12.66 9.07 20.95
N CYS B 33 -13.80 9.72 20.72
CA CYS B 33 -13.96 11.11 21.14
C CYS B 33 -14.91 11.25 22.30
N SER B 34 -14.68 12.27 23.11
CA SER B 34 -15.53 12.60 24.27
C SER B 34 -17.01 12.87 23.91
N GLY B 35 -17.89 12.73 24.90
CA GLY B 35 -19.36 12.76 24.73
C GLY B 35 -20.01 13.59 23.61
N THR B 36 -19.48 14.79 23.39
CA THR B 36 -20.08 15.73 22.44
C THR B 36 -19.03 16.21 21.46
N PHE B 37 -18.11 15.32 21.14
CA PHE B 37 -17.19 15.56 20.08
C PHE B 37 -17.37 14.44 19.09
N ARG B 38 -17.05 14.72 17.83
CA ARG B 38 -17.11 13.70 16.81
C ARG B 38 -15.74 13.28 16.30
N LEU B 39 -15.58 11.98 16.09
CA LEU B 39 -14.36 11.43 15.51
C LEU B 39 -14.31 11.63 14.01
N ILE B 40 -13.22 12.25 13.57
CA ILE B 40 -12.96 12.51 12.16
C ILE B 40 -11.70 11.76 11.77
N GLY B 41 -11.84 10.81 10.85
CA GLY B 41 -10.72 10.02 10.40
C GLY B 41 -10.76 8.63 10.97
N GLU B 42 -10.08 7.72 10.27
CA GLU B 42 -9.94 6.30 10.65
C GLU B 42 -9.72 6.14 12.15
N LYS B 43 -10.47 5.24 12.79
CA LYS B 43 -10.39 5.14 14.25
C LYS B 43 -9.36 4.17 14.77
N SER B 44 -9.03 3.13 14.00
CA SER B 44 -8.07 2.14 14.47
C SER B 44 -6.69 2.46 13.93
N LEU B 45 -5.67 2.25 14.74
CA LEU B 45 -4.30 2.35 14.25
C LEU B 45 -3.50 1.15 14.69
N LEU B 46 -2.82 0.51 13.76
CA LEU B 46 -1.91 -0.54 14.17
C LEU B 46 -0.43 -0.31 13.87
N CYS B 47 0.39 -0.90 14.72
CA CYS B 47 1.85 -0.87 14.67
C CYS B 47 2.37 -1.93 13.69
N ILE B 48 3.05 -1.49 12.65
CA ILE B 48 3.43 -2.36 11.55
C ILE B 48 4.88 -2.13 11.22
N THR B 49 5.48 -2.94 10.34
CA THR B 49 6.88 -2.66 9.96
C THR B 49 7.06 -2.63 8.44
N LYS B 50 7.42 -1.49 7.86
CA LYS B 50 7.64 -1.52 6.43
C LYS B 50 9.07 -1.98 6.14
N ASP B 51 10.04 -1.44 6.88
CA ASP B 51 11.47 -1.74 6.61
C ASP B 51 11.93 -3.06 7.21
N LYS B 52 11.06 -3.65 8.03
CA LYS B 52 11.38 -4.89 8.75
C LYS B 52 12.53 -4.68 9.75
N VAL B 53 12.56 -3.49 10.37
CA VAL B 53 13.54 -3.16 11.43
C VAL B 53 13.00 -2.28 12.58
N ASP B 54 12.39 -1.11 12.29
CA ASP B 54 11.67 -0.33 13.33
C ASP B 54 10.20 -0.33 12.96
N GLY B 55 9.34 -0.52 13.95
CA GLY B 55 7.88 -0.41 13.76
C GLY B 55 7.40 1.04 13.65
N THR B 56 6.31 1.24 12.94
CA THR B 56 5.67 2.55 12.80
C THR B 56 4.15 2.44 12.59
N TRP B 57 3.39 3.40 13.09
CA TRP B 57 1.93 3.37 12.96
C TRP B 57 1.47 3.54 11.51
N ASP B 58 0.38 2.87 11.13
CA ASP B 58 0.00 2.73 9.70
C ASP B 58 -0.85 3.85 9.05
N LYS B 59 -1.44 4.72 9.84
CA LYS B 59 -2.20 5.84 9.32
C LYS B 59 -2.14 6.92 10.37
N PRO B 60 -2.48 8.17 10.02
CA PRO B 60 -2.49 9.20 11.06
C PRO B 60 -3.57 8.99 12.13
N ALA B 61 -3.43 9.69 13.26
CA ALA B 61 -4.50 9.73 14.26
C ALA B 61 -5.68 10.47 13.72
N PRO B 62 -6.90 10.01 14.06
CA PRO B 62 -8.06 10.84 13.80
C PRO B 62 -8.01 12.00 14.76
N LYS B 63 -8.78 13.05 14.54
CA LYS B 63 -8.85 14.10 15.54
C LYS B 63 -10.31 14.32 15.89
N CYS B 64 -10.59 14.78 17.11
CA CYS B 64 -11.97 15.11 17.48
C CYS B 64 -12.34 16.51 17.03
N GLU B 65 -13.53 16.62 16.45
CA GLU B 65 -14.12 17.92 16.17
C GLU B 65 -15.32 18.03 17.07
N TYR B 66 -15.50 19.19 17.68
CA TYR B 66 -16.67 19.44 18.47
C TYR B 66 -17.92 19.32 17.60
N PHE B 67 -18.94 18.61 18.07
CA PHE B 67 -20.10 18.30 17.22
C PHE B 67 -20.87 19.52 16.79
N ASN B 68 -20.90 19.79 15.49
CA ASN B 68 -21.80 20.82 14.98
C ASN B 68 -23.12 20.27 14.44
N LYS B 69 -24.21 20.57 15.13
CA LYS B 69 -25.52 19.97 14.83
C LYS B 69 -26.10 20.46 13.53
N TYR B 70 -25.60 21.59 13.03
CA TYR B 70 -26.09 22.16 11.78
C TYR B 70 -25.26 21.76 10.57
N SER B 71 -24.23 20.95 10.79
CA SER B 71 -23.31 20.58 9.71
C SER B 71 -23.85 19.51 8.80
N SER B 72 -23.62 19.72 7.51
CA SER B 72 -23.94 18.76 6.45
C SER B 72 -23.04 18.96 5.24
N CYS B 73 -22.61 17.85 4.66
CA CYS B 73 -21.74 17.88 3.51
C CYS B 73 -22.56 17.51 2.27
N PRO B 74 -22.08 17.88 1.07
CA PRO B 74 -22.73 17.43 -0.16
C PRO B 74 -22.48 15.93 -0.42
N GLU B 75 -23.33 15.31 -1.23
CA GLU B 75 -23.08 13.95 -1.74
C GLU B 75 -21.73 13.92 -2.50
N PRO B 76 -20.76 13.12 -2.00
CA PRO B 76 -19.40 13.04 -2.52
C PRO B 76 -19.24 12.00 -3.63
N ILE B 77 -18.68 12.42 -4.76
CA ILE B 77 -18.53 11.55 -5.91
C ILE B 77 -17.08 11.46 -6.41
N VAL B 78 -16.66 10.21 -6.64
CA VAL B 78 -15.35 9.90 -7.19
C VAL B 78 -15.51 9.41 -8.61
N PRO B 79 -15.02 10.20 -9.59
CA PRO B 79 -15.06 9.72 -10.95
C PRO B 79 -14.24 8.43 -11.04
N GLY B 80 -14.90 7.34 -11.44
CA GLY B 80 -14.25 6.03 -11.60
C GLY B 80 -14.47 5.06 -10.46
N GLY B 81 -15.20 5.47 -9.44
CA GLY B 81 -15.54 4.58 -8.35
C GLY B 81 -16.97 4.81 -7.95
N TYR B 82 -17.45 3.98 -7.03
CA TYR B 82 -18.79 4.14 -6.51
C TYR B 82 -18.68 4.06 -4.99
N LYS B 83 -19.68 4.58 -4.30
CA LYS B 83 -19.70 4.61 -2.87
C LYS B 83 -20.21 3.27 -2.41
N ILE B 84 -19.46 2.56 -1.57
CA ILE B 84 -19.93 1.29 -1.03
C ILE B 84 -20.70 1.55 0.24
N ARG B 85 -20.11 1.33 1.42
CA ARG B 85 -20.77 1.68 2.68
C ARG B 85 -20.95 3.20 2.68
N GLY B 86 -22.08 3.69 3.21
CA GLY B 86 -22.32 5.14 3.31
C GLY B 86 -23.73 5.61 2.99
N SER B 87 -24.44 6.07 4.03
CA SER B 87 -25.88 6.37 3.94
C SER B 87 -26.21 7.86 4.11
N THR B 88 -26.75 8.46 3.06
CA THR B 88 -27.27 9.84 3.10
C THR B 88 -28.51 9.94 4.01
N PRO B 89 -28.66 11.05 4.78
CA PRO B 89 -28.04 12.37 4.81
C PRO B 89 -26.72 12.43 5.59
N TYR B 90 -25.79 13.24 5.11
CA TYR B 90 -24.48 13.33 5.74
C TYR B 90 -24.43 14.49 6.73
N ARG B 91 -24.71 14.16 7.99
CA ARG B 91 -24.55 15.12 9.05
C ARG B 91 -23.16 14.94 9.62
N HIS B 92 -22.78 15.83 10.53
CA HIS B 92 -21.43 15.88 11.08
C HIS B 92 -20.95 14.54 11.68
N GLY B 93 -19.73 14.15 11.35
CA GLY B 93 -19.13 12.94 11.87
C GLY B 93 -19.34 11.71 11.01
N ASP B 94 -20.33 11.76 10.12
CA ASP B 94 -20.63 10.59 9.29
C ASP B 94 -19.49 10.30 8.31
N SER B 95 -19.37 9.04 7.89
CA SER B 95 -18.34 8.64 6.95
C SER B 95 -18.93 7.99 5.74
N VAL B 96 -18.10 7.79 4.73
CA VAL B 96 -18.44 7.06 3.51
C VAL B 96 -17.21 6.34 3.01
N THR B 97 -17.38 5.15 2.46
CA THR B 97 -16.27 4.41 1.86
C THR B 97 -16.51 4.25 0.36
N PHE B 98 -15.44 4.05 -0.40
CA PHE B 98 -15.50 3.96 -1.85
C PHE B 98 -14.80 2.71 -2.36
N ALA B 99 -15.23 2.20 -3.51
CA ALA B 99 -14.47 1.19 -4.28
C ALA B 99 -14.37 1.66 -5.74
N CYS B 100 -13.26 1.35 -6.39
CA CYS B 100 -13.13 1.69 -7.79
C CYS B 100 -13.87 0.65 -8.60
N LYS B 101 -14.23 1.03 -9.83
CA LYS B 101 -14.92 0.15 -10.78
C LYS B 101 -13.90 -0.79 -11.46
N THR B 102 -14.38 -1.94 -11.92
CA THR B 102 -13.55 -2.84 -12.73
C THR B 102 -12.71 -1.94 -13.63
N ASN B 103 -11.42 -2.26 -13.79
CA ASN B 103 -10.50 -1.48 -14.63
C ASN B 103 -10.06 -0.14 -14.04
N PHE B 104 -10.08 -0.04 -12.71
CA PHE B 104 -9.58 1.14 -12.00
C PHE B 104 -8.79 0.78 -10.75
N SER B 105 -7.60 1.35 -10.60
CA SER B 105 -6.85 1.25 -9.35
C SER B 105 -7.26 2.43 -8.50
N MET B 106 -7.26 2.27 -7.18
CA MET B 106 -7.55 3.38 -6.29
C MET B 106 -6.28 4.01 -5.76
N ASN B 107 -6.16 5.33 -5.89
CA ASN B 107 -5.02 6.05 -5.32
C ASN B 107 -5.50 7.09 -4.33
N GLY B 108 -5.41 6.74 -3.04
CA GLY B 108 -5.83 7.62 -1.95
C GLY B 108 -6.45 6.85 -0.80
N ASN B 109 -6.78 7.55 0.26
CA ASN B 109 -7.47 6.89 1.35
C ASN B 109 -8.94 6.69 0.98
N LYS B 110 -9.43 5.47 1.19
CA LYS B 110 -10.76 5.05 0.70
C LYS B 110 -11.98 5.59 1.43
N SER B 111 -11.80 6.34 2.50
CA SER B 111 -12.94 6.84 3.26
C SER B 111 -12.76 8.29 3.63
N VAL B 112 -13.88 8.99 3.72
CA VAL B 112 -13.87 10.39 4.10
C VAL B 112 -14.93 10.69 5.16
N TRP B 113 -14.73 11.79 5.90
CA TRP B 113 -15.63 12.19 6.99
C TRP B 113 -16.19 13.58 6.75
N CYS B 114 -17.42 13.80 7.21
CA CYS B 114 -18.06 15.07 7.07
C CYS B 114 -17.51 15.98 8.15
N GLN B 115 -16.65 16.92 7.77
CA GLN B 115 -16.07 17.85 8.74
C GLN B 115 -17.02 18.97 9.08
N ALA B 116 -16.89 19.55 10.27
CA ALA B 116 -17.84 20.58 10.73
C ALA B 116 -17.98 21.75 9.74
N ASN B 117 -16.99 21.89 8.86
CA ASN B 117 -17.02 22.89 7.82
C ASN B 117 -17.65 22.41 6.49
N ASN B 118 -18.59 21.48 6.59
CA ASN B 118 -19.37 20.99 5.44
C ASN B 118 -18.59 20.55 4.19
N MET B 119 -17.29 20.36 4.36
CA MET B 119 -16.46 19.70 3.35
C MET B 119 -16.02 18.36 3.88
N TRP B 120 -15.62 17.47 2.98
CA TRP B 120 -15.19 16.13 3.37
C TRP B 120 -13.69 16.13 3.60
N GLY B 121 -13.29 15.58 4.73
CA GLY B 121 -11.87 15.43 5.06
C GLY B 121 -11.63 14.05 5.63
N PRO B 122 -10.48 13.84 6.30
CA PRO B 122 -9.41 14.81 6.51
C PRO B 122 -8.45 14.80 5.33
N THR B 123 -8.54 13.79 4.48
CA THR B 123 -7.77 13.69 3.24
C THR B 123 -8.50 14.38 2.07
N ARG B 124 -7.95 14.26 0.86
CA ARG B 124 -8.72 14.50 -0.34
C ARG B 124 -9.56 13.26 -0.64
N LEU B 125 -10.66 13.43 -1.36
CA LEU B 125 -11.39 12.30 -1.92
C LEU B 125 -10.43 11.41 -2.72
N PRO B 126 -10.63 10.09 -2.66
CA PRO B 126 -9.73 9.16 -3.33
C PRO B 126 -9.78 9.28 -4.86
N THR B 127 -8.73 8.81 -5.53
CA THR B 127 -8.66 8.85 -6.99
C THR B 127 -8.62 7.45 -7.55
N CYS B 128 -9.46 7.20 -8.55
CA CYS B 128 -9.47 5.95 -9.31
C CYS B 128 -8.83 6.14 -10.69
N VAL B 129 -8.01 5.17 -11.10
CA VAL B 129 -7.24 5.31 -12.34
C VAL B 129 -7.30 4.07 -13.24
N SER B 130 -7.42 4.30 -14.54
CA SER B 130 -7.53 3.24 -15.56
C SER B 130 -6.35 2.30 -15.62
N VAL B 131 -6.50 1.25 -16.42
CA VAL B 131 -5.48 0.23 -16.60
C VAL B 131 -5.12 0.10 -18.08
N MET C 1 38.60 -3.75 -21.11
CA MET C 1 38.08 -2.90 -20.00
C MET C 1 38.79 -1.55 -20.00
N LEU C 2 38.01 -0.47 -20.15
CA LEU C 2 38.57 0.87 -20.23
C LEU C 2 39.29 1.11 -18.93
N ASP C 3 40.62 1.27 -19.02
CA ASP C 3 41.45 1.28 -17.84
C ASP C 3 41.24 2.55 -17.03
N ALA C 4 41.30 2.42 -15.71
CA ALA C 4 40.96 3.51 -14.83
C ALA C 4 41.85 4.71 -15.05
N GLU C 5 43.05 4.46 -15.60
CA GLU C 5 44.09 5.50 -15.70
C GLU C 5 43.86 6.52 -16.82
N ARG C 6 42.81 6.31 -17.60
CA ARG C 6 42.48 7.16 -18.73
C ARG C 6 41.29 7.99 -18.36
N LEU C 7 40.62 7.56 -17.29
CA LEU C 7 39.40 8.21 -16.85
C LEU C 7 39.60 9.25 -15.77
N LYS C 8 40.82 9.76 -15.62
CA LYS C 8 41.08 10.83 -14.63
C LYS C 8 40.34 12.10 -14.97
N HIS C 9 40.28 12.46 -16.25
CA HIS C 9 39.72 13.74 -16.65
C HIS C 9 38.22 13.85 -16.41
N LEU C 10 37.57 12.73 -16.21
CA LEU C 10 36.13 12.70 -16.03
C LEU C 10 35.60 13.32 -14.71
N ILE C 11 36.49 13.54 -13.74
CA ILE C 11 36.09 14.16 -12.49
C ILE C 11 36.21 15.65 -12.68
N VAL C 12 35.09 16.36 -12.59
CA VAL C 12 35.09 17.77 -12.89
C VAL C 12 34.22 18.51 -11.88
N THR C 13 34.47 19.81 -11.68
CA THR C 13 33.56 20.57 -10.85
C THR C 13 32.41 21.17 -11.66
N PRO C 14 31.19 20.68 -11.43
CA PRO C 14 30.04 21.27 -12.13
C PRO C 14 29.88 22.73 -11.79
N SER C 15 29.61 23.53 -12.80
CA SER C 15 29.27 24.92 -12.66
C SER C 15 28.49 25.30 -13.90
N GLY C 16 28.11 26.57 -14.00
CA GLY C 16 27.39 27.07 -15.17
C GLY C 16 25.89 27.17 -15.03
N ALA C 17 25.22 27.36 -16.17
CA ALA C 17 23.75 27.46 -16.24
C ALA C 17 23.04 26.12 -15.99
N GLY C 18 21.73 26.09 -16.15
CA GLY C 18 20.99 24.84 -16.12
C GLY C 18 21.44 23.89 -17.22
N GLU C 19 22.29 24.37 -18.14
CA GLU C 19 22.83 23.51 -19.22
C GLU C 19 24.29 23.03 -19.03
N GLN C 20 25.24 23.95 -18.79
CA GLN C 20 26.64 23.54 -18.50
C GLN C 20 26.79 22.80 -17.16
N ASN C 21 25.82 22.96 -16.27
CA ASN C 21 25.88 22.30 -15.00
C ASN C 21 25.66 20.83 -15.25
N MET C 22 24.75 20.51 -16.16
CA MET C 22 24.52 19.13 -16.50
C MET C 22 25.61 18.61 -17.41
N ILE C 23 26.14 19.46 -18.28
CA ILE C 23 27.27 19.06 -19.16
C ILE C 23 28.46 18.73 -18.28
N GLY C 24 28.60 19.51 -17.20
CA GLY C 24 29.68 19.38 -16.23
C GLY C 24 29.44 18.22 -15.29
N MET C 25 28.18 17.96 -14.96
CA MET C 25 27.92 16.91 -13.98
C MET C 25 27.90 15.52 -14.60
N THR C 26 27.47 15.44 -15.85
CA THR C 26 27.44 14.17 -16.55
C THR C 26 28.67 13.29 -16.32
N PRO C 27 29.88 13.77 -16.72
CA PRO C 27 31.02 12.87 -16.71
C PRO C 27 31.36 12.35 -15.32
N THR C 28 31.27 13.21 -14.31
CA THR C 28 31.64 12.83 -12.95
C THR C 28 30.67 11.76 -12.51
N VAL C 29 29.39 12.00 -12.79
CA VAL C 29 28.38 11.02 -12.44
C VAL C 29 28.71 9.68 -13.08
N ILE C 30 29.01 9.68 -14.37
CA ILE C 30 29.21 8.43 -15.09
C ILE C 30 30.53 7.74 -14.76
N ALA C 31 31.57 8.54 -14.50
CA ALA C 31 32.88 8.00 -14.19
C ALA C 31 32.81 7.20 -12.87
N VAL C 32 32.22 7.82 -11.85
CA VAL C 32 32.10 7.19 -10.53
C VAL C 32 31.23 5.96 -10.66
N HIS C 33 30.18 6.05 -11.43
CA HIS C 33 29.37 4.87 -11.64
C HIS C 33 30.23 3.77 -12.25
N TYR C 34 30.97 4.13 -13.31
CA TYR C 34 31.84 3.17 -13.97
C TYR C 34 32.81 2.55 -12.99
N LEU C 35 33.60 3.38 -12.33
CA LEU C 35 34.58 2.87 -11.39
C LEU C 35 33.98 1.96 -10.33
N ASP C 36 32.77 2.29 -9.86
CA ASP C 36 32.11 1.50 -8.82
C ASP C 36 31.79 0.10 -9.34
N GLU C 37 31.22 0.07 -10.55
CA GLU C 37 30.78 -1.18 -11.12
C GLU C 37 31.90 -1.97 -11.74
N THR C 38 33.15 -1.51 -11.62
CA THR C 38 34.30 -2.27 -12.12
C THR C 38 35.38 -2.46 -11.05
N GLU C 39 35.04 -2.09 -9.82
CA GLU C 39 35.98 -2.12 -8.68
C GLU C 39 37.40 -1.73 -9.10
N GLN C 40 37.51 -0.55 -9.71
CA GLN C 40 38.80 -0.04 -10.17
C GLN C 40 39.24 1.15 -9.34
N TRP C 41 38.58 1.33 -8.20
CA TRP C 41 38.89 2.44 -7.32
C TRP C 41 40.31 2.42 -6.75
N GLU C 42 40.90 1.24 -6.57
CA GLU C 42 42.27 1.19 -6.05
C GLU C 42 43.28 1.75 -7.04
N LYS C 43 43.10 1.49 -8.33
CA LYS C 43 44.04 2.02 -9.32
C LYS C 43 43.96 3.55 -9.31
N PHE C 44 42.74 4.04 -9.50
CA PHE C 44 42.44 5.45 -9.61
C PHE C 44 42.82 6.28 -8.39
N GLY C 45 42.85 5.66 -7.23
CA GLY C 45 43.13 6.34 -5.99
C GLY C 45 41.87 6.34 -5.17
N LEU C 46 41.81 5.47 -4.18
CA LEU C 46 40.58 5.26 -3.42
C LEU C 46 40.19 6.48 -2.61
N GLU C 47 41.16 7.35 -2.34
CA GLU C 47 40.93 8.61 -1.66
C GLU C 47 39.95 9.47 -2.46
N LYS C 48 40.07 9.42 -3.78
CA LYS C 48 39.45 10.40 -4.65
C LYS C 48 37.93 10.26 -4.79
N ARG C 49 37.41 9.08 -4.46
CA ARG C 49 35.97 8.80 -4.49
C ARG C 49 35.14 9.71 -3.57
N GLN C 50 35.49 9.69 -2.30
CA GLN C 50 34.76 10.45 -1.30
C GLN C 50 34.46 11.87 -1.78
N GLY C 51 35.45 12.55 -2.34
CA GLY C 51 35.28 13.92 -2.86
C GLY C 51 34.42 14.00 -4.11
N ALA C 52 34.60 13.04 -5.02
CA ALA C 52 33.78 12.97 -6.21
C ALA C 52 32.31 12.81 -5.88
N LEU C 53 32.01 12.12 -4.78
CA LEU C 53 30.64 12.04 -4.31
C LEU C 53 30.18 13.44 -3.97
N GLU C 54 31.06 14.20 -3.29
CA GLU C 54 30.76 15.59 -3.00
C GLU C 54 30.51 16.39 -4.28
N LEU C 55 31.35 16.19 -5.29
CA LEU C 55 31.20 16.90 -6.55
C LEU C 55 29.87 16.57 -7.18
N ILE C 56 29.46 15.32 -7.01
CA ILE C 56 28.20 14.89 -7.54
C ILE C 56 27.07 15.60 -6.82
N LYS C 57 27.10 15.61 -5.50
CA LYS C 57 26.09 16.35 -4.75
C LYS C 57 26.05 17.84 -5.13
N LYS C 58 27.23 18.44 -5.25
CA LYS C 58 27.36 19.82 -5.68
C LYS C 58 26.57 20.06 -6.97
N GLY C 59 26.72 19.14 -7.93
CA GLY C 59 26.03 19.24 -9.21
C GLY C 59 24.53 19.05 -9.07
N TYR C 60 24.15 18.03 -8.30
CA TYR C 60 22.75 17.80 -8.00
C TYR C 60 22.14 19.07 -7.42
N THR C 61 22.66 19.52 -6.29
CA THR C 61 22.15 20.73 -5.64
C THR C 61 22.09 21.96 -6.57
N GLN C 62 23.20 22.24 -7.26
CA GLN C 62 23.29 23.35 -8.20
C GLN C 62 22.18 23.30 -9.23
N GLN C 63 21.94 22.10 -9.76
CA GLN C 63 20.89 21.89 -10.73
C GLN C 63 19.53 22.35 -10.20
N LEU C 64 19.32 22.18 -8.90
CA LEU C 64 18.03 22.49 -8.27
C LEU C 64 17.59 23.94 -8.38
N ALA C 65 18.55 24.85 -8.47
CA ALA C 65 18.25 26.27 -8.58
C ALA C 65 17.66 26.60 -9.94
N PHE C 66 17.81 25.68 -10.88
CA PHE C 66 17.27 25.85 -12.21
C PHE C 66 16.01 25.03 -12.43
N ARG C 67 15.53 24.43 -11.35
CA ARG C 67 14.21 23.80 -11.32
C ARG C 67 13.14 24.89 -11.25
N GLN C 68 12.13 24.76 -12.09
CA GLN C 68 11.03 25.73 -12.19
C GLN C 68 9.84 25.24 -11.35
N PRO C 69 8.91 26.16 -11.00
CA PRO C 69 7.65 25.85 -10.34
C PRO C 69 6.85 24.70 -10.96
N SER C 70 7.05 24.44 -12.25
CA SER C 70 6.38 23.32 -12.93
C SER C 70 7.08 21.98 -12.66
N SER C 71 8.22 22.06 -11.99
CA SER C 71 9.17 20.95 -11.80
C SER C 71 9.91 20.52 -13.08
N ALA C 72 10.02 21.43 -14.05
CA ALA C 72 10.82 21.21 -15.25
C ALA C 72 12.06 22.09 -15.24
N PHE C 73 13.06 21.70 -16.03
CA PHE C 73 14.31 22.47 -16.14
C PHE C 73 14.48 23.22 -17.45
N ALA C 74 15.25 24.29 -17.40
CA ALA C 74 15.49 25.12 -18.54
C ALA C 74 16.83 25.76 -18.24
N ALA C 75 17.49 26.29 -19.27
CA ALA C 75 18.79 26.89 -19.05
C ALA C 75 18.74 27.90 -17.91
N PHE C 76 17.75 28.79 -17.98
CA PHE C 76 17.53 29.83 -16.97
C PHE C 76 16.09 29.85 -16.47
N VAL C 77 15.89 30.48 -15.33
CA VAL C 77 14.61 30.47 -14.65
C VAL C 77 13.50 31.19 -15.41
N LYS C 78 13.86 32.27 -16.10
CA LYS C 78 12.90 32.99 -16.89
C LYS C 78 12.79 32.41 -18.30
N ARG C 79 13.60 31.42 -18.62
CA ARG C 79 13.50 30.77 -19.91
C ARG C 79 12.46 29.66 -19.89
N ALA C 80 11.89 29.41 -21.07
CA ALA C 80 10.86 28.38 -21.25
C ALA C 80 11.45 26.99 -21.03
N PRO C 81 10.65 26.08 -20.46
CA PRO C 81 11.08 24.73 -20.06
C PRO C 81 11.45 23.83 -21.23
N SER C 82 12.46 22.99 -21.06
CA SER C 82 12.88 22.09 -22.15
C SER C 82 12.59 20.63 -21.94
N THR C 83 11.82 20.09 -22.86
CA THR C 83 11.45 18.68 -22.86
C THR C 83 12.70 17.82 -22.66
N TRP C 84 13.64 17.95 -23.59
CA TRP C 84 14.86 17.12 -23.58
C TRP C 84 15.69 17.34 -22.36
N LEU C 85 15.95 18.60 -22.02
CA LEU C 85 16.77 18.90 -20.86
C LEU C 85 16.16 18.26 -19.63
N THR C 86 14.84 18.44 -19.49
CA THR C 86 14.15 17.84 -18.37
C THR C 86 14.28 16.33 -18.38
N ALA C 87 14.12 15.70 -19.55
CA ALA C 87 14.32 14.24 -19.65
C ALA C 87 15.76 13.85 -19.31
N TYR C 88 16.70 14.70 -19.70
CA TYR C 88 18.08 14.40 -19.43
C TYR C 88 18.37 14.39 -17.95
N VAL C 89 17.81 15.36 -17.23
CA VAL C 89 18.01 15.44 -15.79
C VAL C 89 17.53 14.13 -15.16
N VAL C 90 16.27 13.81 -15.42
CA VAL C 90 15.70 12.56 -15.03
C VAL C 90 16.69 11.47 -15.37
N LYS C 91 17.11 11.41 -16.62
CA LYS C 91 17.99 10.32 -17.04
C LYS C 91 19.19 10.23 -16.12
N VAL C 92 19.79 11.36 -15.80
CA VAL C 92 21.01 11.35 -15.03
C VAL C 92 20.80 10.96 -13.55
N PHE C 93 20.00 11.76 -12.84
CA PHE C 93 19.57 11.51 -11.46
C PHE C 93 19.21 10.07 -11.11
N SER C 94 18.54 9.41 -12.04
CA SER C 94 18.16 8.02 -11.89
C SER C 94 19.41 7.17 -11.79
N LEU C 95 20.37 7.42 -12.68
CA LEU C 95 21.66 6.73 -12.62
C LEU C 95 22.57 7.30 -11.53
N ALA C 96 22.32 8.54 -11.14
CA ALA C 96 23.09 9.17 -10.08
C ALA C 96 22.75 8.60 -8.72
N VAL C 97 21.48 8.25 -8.50
CA VAL C 97 21.03 7.76 -7.18
C VAL C 97 21.76 6.45 -6.77
N ASN C 98 22.38 5.79 -7.76
CA ASN C 98 23.28 4.68 -7.48
C ASN C 98 24.48 5.05 -6.59
N LEU C 99 24.79 6.36 -6.53
CA LEU C 99 25.93 6.87 -5.76
C LEU C 99 25.47 7.80 -4.66
N ILE C 100 24.49 8.64 -4.97
CA ILE C 100 23.99 9.61 -3.99
C ILE C 100 22.46 9.65 -3.77
N ALA C 101 22.04 9.99 -2.55
CA ALA C 101 20.63 10.19 -2.26
C ALA C 101 20.09 11.36 -3.05
N ILE C 102 18.90 11.16 -3.58
CA ILE C 102 18.20 12.06 -4.47
C ILE C 102 16.92 12.45 -3.73
N ASP C 103 16.30 13.57 -4.08
CA ASP C 103 14.95 13.79 -3.61
C ASP C 103 13.91 13.37 -4.66
N SER C 104 13.08 12.38 -4.33
CA SER C 104 12.10 11.82 -5.26
C SER C 104 11.06 12.84 -5.76
N GLN C 105 10.53 13.63 -4.83
CA GLN C 105 9.73 14.80 -5.17
C GLN C 105 10.25 15.39 -6.49
N VAL C 106 11.50 15.85 -6.45
CA VAL C 106 12.20 16.47 -7.57
C VAL C 106 12.21 15.61 -8.82
N LEU C 107 12.60 14.35 -8.66
CA LEU C 107 12.70 13.45 -9.79
C LEU C 107 11.32 13.15 -10.32
N CYS C 108 10.44 12.63 -9.46
CA CYS C 108 9.11 12.22 -9.90
C CYS C 108 8.25 13.42 -10.28
N GLY C 109 8.51 14.55 -9.65
CA GLY C 109 7.98 15.84 -10.10
C GLY C 109 8.27 16.07 -11.58
N ALA C 110 9.53 15.92 -11.97
CA ALA C 110 9.94 16.19 -13.35
C ALA C 110 9.33 15.22 -14.33
N VAL C 111 9.16 13.98 -13.91
CA VAL C 111 8.62 12.94 -14.77
C VAL C 111 7.17 13.25 -15.04
N LYS C 112 6.47 13.63 -13.97
CA LYS C 112 5.06 14.03 -14.04
C LYS C 112 4.81 15.05 -15.17
N TRP C 113 5.53 16.16 -15.11
CA TRP C 113 5.44 17.23 -16.10
C TRP C 113 5.60 16.75 -17.53
N LEU C 114 6.72 16.12 -17.84
CA LEU C 114 6.93 15.57 -19.18
C LEU C 114 5.64 14.92 -19.65
N ILE C 115 5.19 13.92 -18.91
CA ILE C 115 3.97 13.22 -19.24
C ILE C 115 2.82 14.20 -19.49
N LEU C 116 2.33 14.80 -18.40
CA LEU C 116 1.11 15.58 -18.46
C LEU C 116 1.14 16.67 -19.52
N GLU C 117 2.20 17.47 -19.49
CA GLU C 117 2.26 18.67 -20.28
C GLU C 117 2.92 18.51 -21.65
N LYS C 118 3.69 17.45 -21.86
CA LYS C 118 4.49 17.36 -23.11
C LYS C 118 4.38 16.04 -23.87
N GLN C 119 3.36 15.25 -23.57
CA GLN C 119 3.05 14.09 -24.38
C GLN C 119 1.84 14.32 -25.25
N LYS C 120 2.03 14.10 -26.55
CA LYS C 120 0.95 14.10 -27.51
C LYS C 120 0.05 12.89 -27.26
N PRO C 121 -1.29 13.05 -27.42
CA PRO C 121 -2.23 11.94 -27.19
C PRO C 121 -2.02 10.78 -28.16
N ASP C 122 -1.27 11.03 -29.23
CA ASP C 122 -0.86 9.97 -30.15
C ASP C 122 0.26 9.08 -29.60
N GLY C 123 0.87 9.50 -28.48
CA GLY C 123 1.96 8.76 -27.82
C GLY C 123 3.32 9.45 -27.78
N VAL C 124 3.49 10.50 -28.59
CA VAL C 124 4.78 11.16 -28.82
C VAL C 124 5.18 12.23 -27.78
N PHE C 125 6.49 12.51 -27.73
CA PHE C 125 7.02 13.60 -26.91
C PHE C 125 7.56 14.74 -27.79
N GLN C 126 7.42 15.98 -27.31
CA GLN C 126 7.74 17.16 -28.12
C GLN C 126 8.54 18.26 -27.41
N GLU C 127 9.56 18.77 -28.10
CA GLU C 127 10.36 19.88 -27.61
C GLU C 127 9.67 21.16 -28.00
N ASP C 128 9.31 21.95 -27.00
CA ASP C 128 8.63 23.22 -27.19
C ASP C 128 9.56 24.41 -27.17
N ALA C 129 10.71 24.26 -26.49
CA ALA C 129 11.78 25.24 -26.57
C ALA C 129 13.09 24.50 -26.42
N PRO C 130 13.83 24.34 -27.55
CA PRO C 130 15.04 23.52 -27.60
C PRO C 130 16.14 24.08 -26.70
N VAL C 131 17.17 23.28 -26.46
CA VAL C 131 18.28 23.71 -25.62
C VAL C 131 19.28 24.51 -26.42
N ILE C 132 19.92 25.47 -25.75
CA ILE C 132 20.93 26.30 -26.38
C ILE C 132 22.06 25.37 -26.78
N HIS C 133 22.72 24.76 -25.79
CA HIS C 133 23.84 23.84 -26.00
C HIS C 133 23.42 22.59 -26.75
N GLN C 134 23.09 22.82 -28.02
CA GLN C 134 22.69 21.80 -28.98
C GLN C 134 23.71 20.67 -29.09
N GLU C 135 24.97 20.98 -28.81
CA GLU C 135 26.05 19.98 -28.87
C GLU C 135 25.90 18.88 -27.84
N MET C 136 25.14 19.13 -26.77
CA MET C 136 25.03 18.18 -25.67
C MET C 136 24.07 17.03 -25.98
N ILE C 137 23.08 17.29 -26.81
CA ILE C 137 22.01 16.32 -27.03
C ILE C 137 22.44 15.12 -27.83
N GLY C 138 23.71 15.13 -28.25
CA GLY C 138 24.31 14.00 -28.91
C GLY C 138 23.72 13.77 -30.27
N GLY C 139 23.10 12.61 -30.47
CA GLY C 139 22.66 12.19 -31.78
C GLY C 139 21.35 12.75 -32.26
N LEU C 140 20.52 13.19 -31.31
CA LEU C 140 19.26 13.85 -31.65
C LEU C 140 19.40 15.13 -32.47
N ARG C 141 20.57 15.76 -32.41
CA ARG C 141 20.75 17.04 -33.08
C ARG C 141 20.33 16.98 -34.55
N ASN C 142 20.49 15.79 -35.15
CA ASN C 142 20.08 15.55 -36.52
C ASN C 142 18.56 15.49 -36.72
N ASN C 143 18.10 16.26 -37.71
CA ASN C 143 16.67 16.59 -37.91
C ASN C 143 15.66 15.46 -38.19
N ASN C 144 15.91 14.63 -39.20
CA ASN C 144 14.99 13.56 -39.57
C ASN C 144 14.70 12.59 -38.44
N GLU C 145 13.48 12.04 -38.47
CA GLU C 145 13.04 10.99 -37.55
C GLU C 145 13.16 11.47 -36.12
N LYS C 146 12.90 12.76 -35.93
CA LYS C 146 13.10 13.39 -34.63
C LYS C 146 12.01 13.01 -33.65
N ASP C 147 10.77 13.12 -34.11
CA ASP C 147 9.62 12.83 -33.26
C ASP C 147 9.89 11.49 -32.65
N MET C 148 10.51 10.64 -33.46
CA MET C 148 10.90 9.31 -33.04
C MET C 148 12.00 9.28 -31.97
N ALA C 149 13.17 9.83 -32.30
CA ALA C 149 14.29 9.79 -31.38
C ALA C 149 13.89 10.40 -30.07
N LEU C 150 13.43 11.66 -30.09
CA LEU C 150 13.07 12.33 -28.87
C LEU C 150 12.19 11.45 -28.00
N THR C 151 11.17 10.83 -28.60
CA THR C 151 10.28 9.94 -27.87
C THR C 151 11.09 8.81 -27.23
N ALA C 152 11.87 8.11 -28.05
CA ALA C 152 12.79 7.08 -27.56
C ALA C 152 13.59 7.55 -26.33
N PHE C 153 14.25 8.70 -26.49
CA PHE C 153 15.08 9.30 -25.45
C PHE C 153 14.33 9.57 -24.15
N VAL C 154 13.16 10.20 -24.27
CA VAL C 154 12.32 10.55 -23.11
C VAL C 154 11.80 9.28 -22.45
N LEU C 155 11.44 8.30 -23.28
CA LEU C 155 10.93 7.02 -22.81
C LEU C 155 11.95 6.32 -21.95
N ILE C 156 13.18 6.28 -22.43
CA ILE C 156 14.24 5.63 -21.71
C ILE C 156 14.28 6.16 -20.29
N SER C 157 14.34 7.48 -20.12
CA SER C 157 14.39 8.12 -18.80
C SER C 157 13.27 7.65 -17.91
N LEU C 158 12.06 7.74 -18.42
CA LEU C 158 10.90 7.29 -17.68
C LEU C 158 11.09 5.85 -17.24
N GLN C 159 11.47 4.98 -18.18
CA GLN C 159 11.75 3.59 -17.84
C GLN C 159 12.80 3.49 -16.75
N GLU C 160 13.93 4.16 -16.97
CA GLU C 160 14.99 4.24 -15.99
C GLU C 160 14.47 4.69 -14.62
N ALA C 161 13.53 5.63 -14.61
CA ALA C 161 13.04 6.19 -13.34
C ALA C 161 11.83 5.47 -12.75
N LYS C 162 11.24 4.56 -13.53
CA LYS C 162 10.04 3.81 -13.14
C LYS C 162 10.13 3.43 -11.68
N ASP C 163 10.96 2.44 -11.35
CA ASP C 163 11.27 2.04 -9.98
C ASP C 163 10.85 3.03 -8.88
N ILE C 164 11.37 4.24 -8.98
CA ILE C 164 11.24 5.27 -7.95
C ILE C 164 9.89 5.97 -7.97
N CYS C 165 9.35 6.09 -9.16
CA CYS C 165 8.21 6.94 -9.37
C CYS C 165 6.84 6.23 -9.49
N GLU C 166 6.84 4.91 -9.59
CA GLU C 166 5.61 4.13 -9.76
C GLU C 166 4.53 4.56 -8.78
N GLU C 167 4.66 4.17 -7.51
CA GLU C 167 3.65 4.52 -6.49
C GLU C 167 3.33 6.01 -6.53
N GLN C 168 4.37 6.80 -6.79
CA GLN C 168 4.28 8.26 -6.72
C GLN C 168 3.56 8.94 -7.88
N VAL C 169 3.74 8.43 -9.09
CA VAL C 169 3.25 9.11 -10.29
C VAL C 169 2.20 8.27 -10.99
N ASN C 170 0.94 8.64 -10.85
CA ASN C 170 -0.18 7.78 -11.18
C ASN C 170 -0.31 7.41 -12.64
N SER C 171 0.10 8.30 -13.54
CA SER C 171 -0.15 8.12 -14.96
C SER C 171 1.10 7.69 -15.69
N LEU C 172 1.97 6.97 -15.00
CA LEU C 172 3.25 6.62 -15.58
C LEU C 172 3.24 5.40 -16.50
N PRO C 173 2.76 4.21 -16.02
CA PRO C 173 2.89 3.03 -16.88
C PRO C 173 2.05 3.17 -18.13
N GLY C 174 0.92 3.87 -17.97
CA GLY C 174 0.03 4.22 -19.07
C GLY C 174 0.82 5.07 -20.02
N SER C 175 1.22 6.24 -19.56
CA SER C 175 2.04 7.14 -20.33
C SER C 175 3.20 6.46 -21.06
N ILE C 176 3.73 5.39 -20.46
CA ILE C 176 4.76 4.55 -21.08
C ILE C 176 4.21 3.83 -22.31
N THR C 177 3.16 3.05 -22.10
CA THR C 177 2.60 2.22 -23.13
C THR C 177 2.20 3.06 -24.35
N LYS C 178 1.50 4.17 -24.11
CA LYS C 178 1.19 5.16 -25.15
C LYS C 178 2.41 5.42 -26.06
N ALA C 179 3.57 5.63 -25.44
CA ALA C 179 4.82 5.84 -26.18
C ALA C 179 5.32 4.54 -26.82
N GLY C 180 5.39 3.48 -26.01
CA GLY C 180 5.75 2.17 -26.50
C GLY C 180 4.95 1.77 -27.72
N ASP C 181 3.65 2.07 -27.72
CA ASP C 181 2.81 1.82 -28.88
C ASP C 181 3.36 2.52 -30.12
N PHE C 182 3.66 3.81 -29.95
CA PHE C 182 4.10 4.66 -31.05
C PHE C 182 5.42 4.23 -31.69
N LEU C 183 6.37 3.84 -30.84
CA LEU C 183 7.66 3.36 -31.31
C LEU C 183 7.53 2.07 -32.10
N GLU C 184 6.69 1.14 -31.63
CA GLU C 184 6.38 -0.07 -32.37
C GLU C 184 5.86 0.25 -33.76
N ALA C 185 4.77 1.01 -33.83
CA ALA C 185 4.16 1.38 -35.11
C ALA C 185 5.19 1.71 -36.19
N ASN C 186 6.15 2.58 -35.87
CA ASN C 186 7.03 3.14 -36.90
C ASN C 186 8.39 2.48 -37.07
N TYR C 187 8.82 1.71 -36.08
CA TYR C 187 10.16 1.11 -36.06
C TYR C 187 10.61 0.54 -37.40
N MET C 188 9.77 -0.25 -38.05
CA MET C 188 10.19 -0.93 -39.27
C MET C 188 10.51 0.04 -40.43
N ASN C 189 10.04 1.28 -40.31
CA ASN C 189 10.18 2.32 -41.35
C ASN C 189 11.45 3.18 -41.24
N LEU C 190 12.29 2.84 -40.27
CA LEU C 190 13.42 3.69 -39.88
C LEU C 190 14.58 3.52 -40.83
N GLN C 191 15.26 4.63 -41.08
CA GLN C 191 16.38 4.67 -42.01
C GLN C 191 17.68 4.78 -41.24
N ARG C 192 17.69 5.60 -40.19
CA ARG C 192 18.92 5.90 -39.48
C ARG C 192 19.27 4.87 -38.42
N SER C 193 20.51 4.36 -38.47
CA SER C 193 21.00 3.39 -37.50
C SER C 193 20.85 3.94 -36.09
N TYR C 194 21.16 5.22 -35.94
CA TYR C 194 21.05 5.88 -34.66
C TYR C 194 19.70 5.57 -34.03
N THR C 195 18.62 5.93 -34.72
CA THR C 195 17.28 5.79 -34.16
C THR C 195 16.89 4.35 -33.94
N VAL C 196 17.31 3.48 -34.85
CA VAL C 196 17.18 2.03 -34.65
C VAL C 196 17.71 1.67 -33.26
N ALA C 197 18.93 2.11 -32.99
CA ALA C 197 19.63 1.79 -31.77
C ALA C 197 18.91 2.38 -30.57
N ILE C 198 18.59 3.65 -30.61
CA ILE C 198 18.04 4.26 -29.42
C ILE C 198 16.64 3.71 -29.14
N ALA C 199 15.78 3.73 -30.14
CA ALA C 199 14.44 3.17 -30.03
C ALA C 199 14.49 1.71 -29.63
N GLY C 200 15.53 1.02 -30.10
CA GLY C 200 15.74 -0.40 -29.79
C GLY C 200 15.86 -0.64 -28.30
N TYR C 201 16.80 0.05 -27.67
CA TYR C 201 17.00 -0.05 -26.24
C TYR C 201 15.71 0.22 -25.47
N ALA C 202 15.08 1.35 -25.77
CA ALA C 202 13.78 1.69 -25.20
C ALA C 202 12.81 0.54 -25.31
N LEU C 203 12.71 -0.06 -26.50
CA LEU C 203 11.78 -1.14 -26.74
C LEU C 203 12.20 -2.47 -26.13
N ALA C 204 13.51 -2.71 -26.04
CA ALA C 204 14.02 -3.90 -25.39
C ALA C 204 13.58 -3.86 -23.94
N GLN C 205 13.61 -2.66 -23.38
CA GLN C 205 13.29 -2.46 -21.98
C GLN C 205 11.89 -2.88 -21.63
N MET C 206 10.96 -2.73 -22.57
CA MET C 206 9.57 -3.14 -22.34
C MET C 206 9.34 -4.60 -22.67
N GLY C 207 10.41 -5.39 -22.74
CA GLY C 207 10.33 -6.76 -23.23
C GLY C 207 9.46 -6.78 -24.48
N ARG C 208 9.66 -5.77 -25.34
CA ARG C 208 8.80 -5.52 -26.50
C ARG C 208 9.52 -5.37 -27.81
N LEU C 209 10.77 -5.82 -27.86
CA LEU C 209 11.50 -5.88 -29.12
C LEU C 209 11.55 -7.32 -29.64
N LYS C 210 10.46 -7.73 -30.29
CA LYS C 210 10.33 -9.09 -30.80
C LYS C 210 9.74 -9.09 -32.22
N GLY C 211 9.88 -10.21 -32.92
CA GLY C 211 9.36 -10.34 -34.27
C GLY C 211 10.25 -9.65 -35.29
N PRO C 212 9.65 -9.02 -36.31
CA PRO C 212 10.40 -8.32 -37.35
C PRO C 212 11.21 -7.15 -36.81
N LEU C 213 10.76 -6.57 -35.69
CA LEU C 213 11.45 -5.48 -35.01
C LEU C 213 12.83 -5.93 -34.56
N LEU C 214 12.87 -7.03 -33.81
CA LEU C 214 14.11 -7.62 -33.32
C LEU C 214 15.09 -7.96 -34.44
N ASN C 215 14.57 -8.27 -35.63
CA ASN C 215 15.41 -8.60 -36.78
C ASN C 215 16.06 -7.34 -37.36
N LYS C 216 15.23 -6.32 -37.63
CA LYS C 216 15.68 -5.04 -38.17
C LYS C 216 16.85 -4.54 -37.35
N PHE C 217 16.77 -4.83 -36.05
CA PHE C 217 17.74 -4.38 -35.09
C PHE C 217 19.14 -4.97 -35.29
N LEU C 218 19.23 -6.25 -35.64
CA LEU C 218 20.54 -6.92 -35.74
C LEU C 218 21.18 -6.84 -37.14
N THR C 219 20.35 -6.45 -38.11
CA THR C 219 20.75 -6.33 -39.51
C THR C 219 20.97 -4.87 -39.90
N THR C 220 20.86 -4.00 -38.91
CA THR C 220 21.31 -2.63 -39.02
C THR C 220 22.72 -2.59 -38.45
N ALA C 221 23.02 -3.59 -37.63
CA ALA C 221 24.33 -3.76 -37.05
C ALA C 221 25.36 -4.13 -38.10
N LYS C 222 26.44 -3.35 -38.12
CA LYS C 222 27.43 -3.38 -39.18
C LYS C 222 28.73 -4.07 -38.76
N ASP C 223 29.23 -4.94 -39.65
CA ASP C 223 30.27 -5.95 -39.36
C ASP C 223 29.86 -6.70 -38.08
N LYS C 224 28.53 -6.82 -37.94
CA LYS C 224 27.84 -7.33 -36.73
C LYS C 224 28.54 -7.10 -35.38
N ASN C 225 29.03 -5.87 -35.23
CA ASN C 225 29.73 -5.41 -34.03
C ASN C 225 29.48 -3.95 -33.64
N ARG C 226 28.60 -3.25 -34.38
CA ARG C 226 28.36 -1.80 -34.19
C ARG C 226 27.14 -1.25 -34.96
N TRP C 227 26.65 -0.07 -34.54
CA TRP C 227 25.51 0.61 -35.19
C TRP C 227 25.96 1.99 -35.60
N GLU C 228 26.01 2.28 -36.89
CA GLU C 228 26.53 3.59 -37.34
C GLU C 228 25.86 4.20 -38.57
N ASP C 229 25.85 5.53 -38.64
CA ASP C 229 25.42 6.27 -39.83
C ASP C 229 26.62 6.98 -40.44
N PRO C 230 26.55 7.28 -41.76
CA PRO C 230 27.53 8.24 -42.32
C PRO C 230 27.40 9.65 -41.69
N GLY C 231 28.13 9.85 -40.60
CA GLY C 231 28.13 11.11 -39.87
C GLY C 231 29.27 11.16 -38.87
N LYS C 232 29.11 12.00 -37.84
CA LYS C 232 30.10 12.13 -36.77
C LYS C 232 30.41 10.80 -36.09
N GLN C 233 31.67 10.62 -35.68
CA GLN C 233 32.12 9.42 -34.97
C GLN C 233 31.36 9.25 -33.64
N LEU C 234 31.17 10.37 -32.92
CA LEU C 234 30.45 10.39 -31.65
C LEU C 234 29.05 9.78 -31.79
N TYR C 235 28.22 10.41 -32.62
CA TYR C 235 26.83 9.98 -32.80
C TYR C 235 26.76 8.46 -32.87
N ASN C 236 27.81 7.88 -33.45
CA ASN C 236 27.88 6.45 -33.65
C ASN C 236 28.24 5.68 -32.40
N VAL C 237 29.28 6.11 -31.71
CA VAL C 237 29.59 5.51 -30.42
C VAL C 237 28.36 5.55 -29.49
N GLU C 238 27.58 6.63 -29.59
CA GLU C 238 26.33 6.78 -28.84
C GLU C 238 25.37 5.65 -29.19
N ALA C 239 25.09 5.51 -30.49
CA ALA C 239 24.12 4.56 -31.01
C ALA C 239 24.51 3.15 -30.62
N THR C 240 25.76 2.81 -30.92
CA THR C 240 26.31 1.50 -30.61
C THR C 240 26.21 1.15 -29.14
N SER C 241 26.29 2.18 -28.30
CA SER C 241 26.11 2.00 -26.88
C SER C 241 24.67 1.68 -26.50
N TYR C 242 23.70 2.48 -26.97
CA TYR C 242 22.28 2.15 -26.77
C TYR C 242 22.02 0.71 -27.18
N ALA C 243 22.40 0.41 -28.42
CA ALA C 243 22.33 -0.93 -28.93
C ALA C 243 22.88 -1.93 -27.93
N LEU C 244 24.10 -1.73 -27.45
CA LEU C 244 24.65 -2.66 -26.48
C LEU C 244 23.70 -2.79 -25.28
N LEU C 245 23.36 -1.68 -24.65
CA LEU C 245 22.44 -1.75 -23.53
C LEU C 245 21.21 -2.58 -23.91
N ALA C 246 20.75 -2.39 -25.15
CA ALA C 246 19.57 -3.06 -25.73
C ALA C 246 19.77 -4.55 -25.93
N LEU C 247 21.00 -4.95 -26.29
CA LEU C 247 21.35 -6.37 -26.37
C LEU C 247 21.28 -7.00 -25.01
N LEU C 248 21.80 -6.31 -24.00
CA LEU C 248 21.82 -6.81 -22.64
C LEU C 248 20.42 -7.05 -22.08
N GLN C 249 19.46 -6.25 -22.52
CA GLN C 249 18.11 -6.42 -22.05
C GLN C 249 17.56 -7.74 -22.59
N LEU C 250 17.74 -7.97 -23.88
CA LEU C 250 17.26 -9.19 -24.55
C LEU C 250 18.14 -10.39 -24.26
N LYS C 251 19.38 -10.11 -23.86
CA LYS C 251 20.38 -11.09 -23.40
C LYS C 251 21.19 -11.87 -24.46
N ASP C 252 21.20 -11.42 -25.71
CA ASP C 252 21.96 -12.15 -26.73
C ASP C 252 23.45 -12.12 -26.41
N PHE C 253 23.88 -13.04 -25.55
CA PHE C 253 25.24 -13.07 -25.03
C PHE C 253 26.30 -13.41 -26.08
N ASP C 254 25.85 -13.70 -27.31
CA ASP C 254 26.72 -14.14 -28.40
C ASP C 254 27.08 -12.97 -29.30
N PHE C 255 26.05 -12.17 -29.58
CA PHE C 255 26.21 -10.94 -30.34
C PHE C 255 27.05 -9.93 -29.55
N VAL C 256 26.79 -9.85 -28.26
CA VAL C 256 27.42 -8.88 -27.39
C VAL C 256 28.94 -8.77 -27.57
N PRO C 257 29.71 -9.84 -27.28
CA PRO C 257 31.14 -9.58 -27.17
C PRO C 257 31.78 -8.91 -28.39
N PRO C 258 31.42 -9.32 -29.63
CA PRO C 258 31.90 -8.51 -30.74
C PRO C 258 31.79 -7.00 -30.49
N VAL C 259 30.69 -6.56 -29.89
CA VAL C 259 30.36 -5.12 -29.73
C VAL C 259 31.23 -4.49 -28.68
N VAL C 260 31.16 -5.02 -27.47
CA VAL C 260 32.12 -4.69 -26.40
C VAL C 260 33.54 -4.57 -26.96
N ARG C 261 33.99 -5.61 -27.65
CA ARG C 261 35.30 -5.65 -28.29
C ARG C 261 35.51 -4.33 -29.03
N TRP C 262 34.52 -3.96 -29.83
CA TRP C 262 34.59 -2.79 -30.71
C TRP C 262 34.66 -1.45 -29.98
N LEU C 263 33.71 -1.20 -29.09
CA LEU C 263 33.76 -0.01 -28.25
C LEU C 263 35.12 0.13 -27.59
N ASN C 264 35.52 -0.87 -26.80
CA ASN C 264 36.90 -0.97 -26.31
C ASN C 264 37.90 -0.48 -27.34
N GLU C 265 37.90 -1.13 -28.50
CA GLU C 265 38.88 -0.87 -29.55
C GLU C 265 38.87 0.56 -30.10
N GLN C 266 37.76 1.27 -29.92
CA GLN C 266 37.65 2.64 -30.41
C GLN C 266 38.47 3.57 -29.58
N ARG C 267 38.94 3.07 -28.44
CA ARG C 267 39.56 3.89 -27.40
C ARG C 267 38.88 5.28 -27.29
N TYR C 268 37.59 5.28 -26.95
CA TYR C 268 36.90 6.51 -26.64
C TYR C 268 36.77 6.60 -25.14
N TYR C 269 37.15 7.72 -24.55
CA TYR C 269 37.17 7.84 -23.10
C TYR C 269 36.39 9.02 -22.56
N GLY C 270 35.49 9.56 -23.39
CA GLY C 270 34.62 10.67 -22.97
C GLY C 270 35.27 12.01 -22.74
N GLY C 271 34.44 13.02 -22.49
CA GLY C 271 34.91 14.37 -22.19
C GLY C 271 35.08 15.28 -23.39
N GLY C 272 35.10 16.59 -23.13
CA GLY C 272 35.21 17.57 -24.19
C GLY C 272 33.88 18.11 -24.67
N TYR C 273 33.96 19.16 -25.50
CA TYR C 273 32.79 19.82 -26.03
C TYR C 273 31.91 18.83 -26.77
N GLY C 274 30.60 19.04 -26.68
CA GLY C 274 29.62 18.12 -27.28
C GLY C 274 29.90 16.62 -27.19
N SER C 275 30.42 16.18 -26.06
CA SER C 275 30.62 14.75 -25.85
C SER C 275 29.75 14.29 -24.69
N THR C 276 28.75 15.08 -24.33
CA THR C 276 27.87 14.72 -23.23
C THR C 276 27.24 13.34 -23.44
N GLN C 277 26.35 13.22 -24.42
CA GLN C 277 25.65 11.95 -24.68
C GLN C 277 26.59 10.77 -24.94
N ALA C 278 27.57 10.99 -25.80
CA ALA C 278 28.56 9.95 -26.07
C ALA C 278 29.16 9.41 -24.76
N THR C 279 29.65 10.31 -23.91
CA THR C 279 30.20 9.96 -22.60
C THR C 279 29.17 9.22 -21.76
N PHE C 280 28.02 9.84 -21.55
CA PHE C 280 27.05 9.24 -20.67
C PHE C 280 26.69 7.84 -21.18
N MET C 281 26.33 7.77 -22.45
CA MET C 281 25.91 6.50 -23.03
C MET C 281 26.94 5.41 -22.97
N VAL C 282 28.18 5.70 -23.36
CA VAL C 282 29.16 4.64 -23.45
C VAL C 282 29.47 4.01 -22.09
N PHE C 283 29.61 4.86 -21.07
CA PHE C 283 30.08 4.38 -19.78
C PHE C 283 28.95 3.73 -19.03
N GLN C 284 27.72 4.17 -19.29
CA GLN C 284 26.57 3.50 -18.72
C GLN C 284 26.60 2.09 -19.28
N ALA C 285 26.73 1.99 -20.60
CA ALA C 285 26.68 0.74 -21.35
C ALA C 285 27.71 -0.24 -20.90
N LEU C 286 28.96 0.19 -20.87
CA LEU C 286 30.05 -0.70 -20.52
C LEU C 286 30.02 -1.14 -19.07
N ALA C 287 29.58 -0.25 -18.19
CA ALA C 287 29.52 -0.53 -16.76
C ALA C 287 28.42 -1.53 -16.51
N GLN C 288 27.36 -1.44 -17.30
CA GLN C 288 26.25 -2.38 -17.27
C GLN C 288 26.69 -3.74 -17.76
N TYR C 289 27.58 -3.77 -18.74
CA TYR C 289 28.06 -5.04 -19.26
C TYR C 289 28.74 -5.80 -18.17
N GLN C 290 29.48 -5.09 -17.34
CA GLN C 290 30.22 -5.70 -16.24
C GLN C 290 29.35 -6.38 -15.17
N LYS C 291 28.14 -5.88 -14.94
CA LYS C 291 27.21 -6.51 -13.97
C LYS C 291 26.60 -7.83 -14.47
N ASP C 292 26.76 -8.08 -15.77
CA ASP C 292 26.08 -9.18 -16.42
C ASP C 292 27.03 -10.27 -16.89
N ALA C 293 28.33 -10.03 -16.74
CA ALA C 293 29.40 -10.97 -17.12
C ALA C 293 29.29 -12.34 -16.40
N PRO C 294 28.89 -13.42 -17.16
CA PRO C 294 28.68 -14.79 -16.64
C PRO C 294 29.88 -15.74 -16.77
N GLY D 2 11.57 19.09 9.03
CA GLY D 2 10.38 18.34 8.50
C GLY D 2 10.47 16.90 8.95
N ILE D 3 9.38 16.14 8.83
CA ILE D 3 9.39 14.71 9.22
C ILE D 3 10.57 14.06 8.52
N SER D 4 11.41 13.39 9.30
CA SER D 4 12.64 12.83 8.77
C SER D 4 12.81 11.36 9.16
N CYS D 5 13.69 10.68 8.43
CA CYS D 5 13.94 9.25 8.56
C CYS D 5 15.17 8.93 9.35
N GLY D 6 15.14 7.80 10.07
CA GLY D 6 16.33 7.25 10.72
C GLY D 6 17.23 6.65 9.67
N SER D 7 18.34 6.07 10.10
CA SER D 7 19.32 5.55 9.17
C SER D 7 18.77 4.33 8.44
N PRO D 8 19.12 4.17 7.15
CA PRO D 8 18.70 3.01 6.37
C PRO D 8 19.33 1.71 6.86
N PRO D 9 18.55 0.61 6.83
CA PRO D 9 19.07 -0.75 7.05
C PRO D 9 20.29 -1.00 6.18
N PRO D 10 21.39 -1.51 6.75
CA PRO D 10 22.63 -1.52 5.99
C PRO D 10 22.74 -2.79 5.15
N ILE D 11 23.80 -2.91 4.35
CA ILE D 11 23.92 -4.08 3.49
C ILE D 11 25.30 -4.71 3.57
N LEU D 12 25.37 -5.99 3.98
CA LEU D 12 26.64 -6.69 4.07
C LEU D 12 27.07 -7.03 2.66
N ASN D 13 28.32 -6.64 2.37
CA ASN D 13 28.98 -6.85 1.08
C ASN D 13 28.37 -6.06 -0.09
N GLY D 14 27.68 -4.97 0.25
CA GLY D 14 27.14 -4.08 -0.74
C GLY D 14 27.53 -2.66 -0.42
N ARG D 15 26.95 -1.72 -1.15
CA ARG D 15 27.16 -0.31 -0.86
C ARG D 15 25.83 0.39 -1.00
N ILE D 16 25.73 1.53 -0.33
CA ILE D 16 24.50 2.29 -0.20
C ILE D 16 24.81 3.69 -0.66
N SER D 17 23.91 4.30 -1.42
CA SER D 17 24.12 5.66 -1.88
C SER D 17 24.41 6.60 -0.72
N TYR D 18 25.41 7.45 -0.95
CA TYR D 18 25.91 8.40 0.02
C TYR D 18 24.86 9.44 0.25
N TYR D 19 24.74 9.89 1.49
CA TYR D 19 23.76 10.90 1.84
C TYR D 19 24.29 11.57 3.07
N SER D 20 23.66 12.66 3.50
CA SER D 20 23.95 13.21 4.82
C SER D 20 22.69 13.56 5.58
N THR D 21 22.75 13.42 6.89
CA THR D 21 21.64 13.73 7.76
C THR D 21 21.30 15.24 7.74
N PRO D 22 20.06 15.61 8.08
CA PRO D 22 18.86 14.80 8.34
C PRO D 22 18.32 14.26 7.03
N ILE D 23 17.70 13.09 7.09
CA ILE D 23 17.14 12.44 5.91
C ILE D 23 15.69 12.91 5.74
N ALA D 24 15.42 13.75 4.74
CA ALA D 24 14.08 14.24 4.58
C ALA D 24 13.19 13.13 4.04
N VAL D 25 11.90 13.15 4.37
CA VAL D 25 10.97 12.24 3.72
C VAL D 25 10.91 12.66 2.28
N GLY D 26 10.83 11.68 1.39
CA GLY D 26 10.94 11.95 -0.03
C GLY D 26 12.25 11.39 -0.55
N THR D 27 13.24 11.29 0.32
CA THR D 27 14.57 10.85 -0.07
C THR D 27 14.57 9.45 -0.67
N VAL D 28 15.28 9.30 -1.78
CA VAL D 28 15.52 8.00 -2.37
C VAL D 28 16.94 7.58 -2.09
N ILE D 29 17.12 6.30 -1.85
CA ILE D 29 18.45 5.72 -1.79
C ILE D 29 18.48 4.45 -2.64
N ARG D 30 19.66 4.08 -3.09
CA ARG D 30 19.83 2.85 -3.85
C ARG D 30 20.80 1.93 -3.17
N TYR D 31 20.59 0.64 -3.33
CA TYR D 31 21.56 -0.35 -2.90
C TYR D 31 22.15 -0.98 -4.15
N SER D 32 23.44 -1.30 -4.11
CA SER D 32 24.03 -2.16 -5.12
C SER D 32 25.05 -3.07 -4.48
N CYS D 33 25.44 -4.12 -5.21
CA CYS D 33 26.39 -5.12 -4.72
C CYS D 33 27.79 -4.93 -5.30
N SER D 34 28.76 -5.49 -4.60
CA SER D 34 30.16 -5.56 -5.06
C SER D 34 30.37 -6.53 -6.26
N GLY D 35 31.62 -6.66 -6.72
CA GLY D 35 31.99 -7.54 -7.85
C GLY D 35 31.21 -8.85 -8.04
N THR D 36 31.73 -9.94 -7.48
CA THR D 36 31.03 -11.23 -7.56
C THR D 36 29.93 -11.32 -6.50
N PHE D 37 28.90 -10.47 -6.64
CA PHE D 37 27.78 -10.42 -5.71
C PHE D 37 26.53 -9.99 -6.43
N ARG D 38 25.41 -10.64 -6.11
CA ARG D 38 24.14 -10.35 -6.78
C ARG D 38 23.07 -9.82 -5.83
N LEU D 39 22.25 -8.92 -6.35
CA LEU D 39 21.32 -8.18 -5.51
C LEU D 39 19.96 -8.85 -5.52
N ILE D 40 19.49 -9.19 -4.33
CA ILE D 40 18.21 -9.85 -4.18
C ILE D 40 17.26 -8.88 -3.54
N GLY D 41 16.24 -8.47 -4.29
CA GLY D 41 15.23 -7.54 -3.77
C GLY D 41 15.31 -6.15 -4.35
N GLU D 42 14.26 -5.35 -4.16
CA GLU D 42 14.16 -4.03 -4.82
C GLU D 42 15.43 -3.21 -4.54
N LYS D 43 15.99 -2.57 -5.59
CA LYS D 43 17.25 -1.85 -5.43
C LYS D 43 17.12 -0.45 -4.81
N SER D 44 15.89 0.09 -4.71
CA SER D 44 15.70 1.43 -4.13
C SER D 44 14.77 1.50 -2.94
N LEU D 45 15.24 2.06 -1.84
CA LEU D 45 14.38 2.32 -0.71
C LEU D 45 14.10 3.76 -0.67
N LEU D 46 12.90 4.06 -0.22
CA LEU D 46 12.44 5.40 -0.26
C LEU D 46 11.85 5.77 1.10
N CYS D 47 12.37 6.86 1.67
CA CYS D 47 11.91 7.40 2.94
C CYS D 47 10.49 7.95 2.84
N ILE D 48 9.59 7.31 3.55
CA ILE D 48 8.18 7.68 3.54
C ILE D 48 7.69 7.96 4.97
N THR D 49 6.44 8.37 5.11
CA THR D 49 5.87 8.57 6.43
C THR D 49 4.42 8.15 6.41
N LYS D 50 4.08 7.15 7.19
CA LYS D 50 2.72 6.64 7.16
C LYS D 50 1.81 7.37 8.14
N ASP D 51 2.35 7.87 9.24
CA ASP D 51 1.52 8.51 10.27
C ASP D 51 1.60 10.03 10.22
N LYS D 52 2.35 10.53 9.25
CA LYS D 52 2.69 11.94 9.15
C LYS D 52 3.22 12.46 10.47
N VAL D 53 4.13 11.69 11.09
CA VAL D 53 4.88 12.16 12.26
C VAL D 53 6.36 11.74 12.23
N ASP D 54 6.64 10.43 12.20
CA ASP D 54 8.02 9.93 12.09
C ASP D 54 8.13 9.30 10.70
N GLY D 55 9.31 9.35 10.12
CA GLY D 55 9.51 8.83 8.80
C GLY D 55 9.99 7.42 8.95
N THR D 56 10.09 6.71 7.84
CA THR D 56 10.56 5.34 7.81
C THR D 56 10.78 4.92 6.36
N TRP D 57 11.23 3.69 6.14
CA TRP D 57 11.55 3.25 4.81
C TRP D 57 10.47 2.32 4.31
N ASP D 58 10.07 2.49 3.04
CA ASP D 58 8.90 1.80 2.48
C ASP D 58 9.09 0.31 2.23
N LYS D 59 10.31 -0.18 2.27
CA LYS D 59 10.50 -1.60 2.07
C LYS D 59 11.82 -2.05 2.68
N PRO D 60 11.92 -3.34 3.07
CA PRO D 60 13.14 -3.84 3.72
C PRO D 60 14.32 -3.83 2.78
N ALA D 61 15.53 -3.61 3.31
CA ALA D 61 16.75 -3.57 2.48
C ALA D 61 17.02 -4.89 1.80
N PRO D 62 17.36 -4.86 0.48
CA PRO D 62 17.82 -6.04 -0.26
C PRO D 62 19.10 -6.59 0.35
N LYS D 63 19.51 -7.76 -0.09
CA LYS D 63 20.75 -8.33 0.43
C LYS D 63 21.64 -8.95 -0.64
N CYS D 64 22.94 -8.80 -0.42
CA CYS D 64 23.91 -9.22 -1.40
C CYS D 64 24.28 -10.67 -1.16
N GLU D 65 23.94 -11.51 -2.14
CA GLU D 65 24.33 -12.92 -2.10
C GLU D 65 25.64 -13.15 -2.85
N TYR D 66 26.43 -14.12 -2.36
CA TYR D 66 27.65 -14.52 -3.02
C TYR D 66 27.31 -15.21 -4.34
N PHE D 67 28.15 -14.99 -5.35
CA PHE D 67 27.83 -15.38 -6.74
C PHE D 67 28.11 -16.84 -7.11
N ASN D 68 27.02 -17.59 -7.22
CA ASN D 68 27.06 -18.97 -7.68
C ASN D 68 26.64 -19.04 -9.15
N LYS D 69 27.60 -19.26 -10.05
CA LYS D 69 27.34 -19.23 -11.52
C LYS D 69 26.37 -20.30 -12.04
N TYR D 70 26.26 -21.42 -11.31
CA TYR D 70 25.43 -22.58 -11.67
C TYR D 70 23.94 -22.30 -11.47
N SER D 71 23.64 -21.24 -10.71
CA SER D 71 22.30 -20.94 -10.23
C SER D 71 21.30 -20.62 -11.33
N SER D 72 20.16 -21.29 -11.26
CA SER D 72 19.06 -21.05 -12.19
C SER D 72 17.72 -21.47 -11.58
N CYS D 73 16.66 -20.84 -12.05
CA CYS D 73 15.38 -20.94 -11.42
C CYS D 73 14.28 -21.35 -12.40
N PRO D 74 13.21 -22.01 -11.89
CA PRO D 74 11.93 -22.24 -12.56
C PRO D 74 11.32 -21.02 -13.32
N GLU D 75 10.19 -21.27 -13.98
CA GLU D 75 9.47 -20.28 -14.78
C GLU D 75 8.11 -20.03 -14.11
N PRO D 76 8.07 -19.09 -13.15
CA PRO D 76 6.93 -18.85 -12.24
C PRO D 76 5.61 -18.46 -12.91
N ILE D 77 4.50 -18.94 -12.36
CA ILE D 77 3.16 -18.51 -12.78
C ILE D 77 2.33 -18.14 -11.54
N VAL D 78 1.52 -17.11 -11.70
CA VAL D 78 0.64 -16.64 -10.64
C VAL D 78 -0.81 -16.77 -11.11
N PRO D 79 -1.64 -17.48 -10.32
CA PRO D 79 -3.05 -17.55 -10.67
C PRO D 79 -3.66 -16.14 -10.79
N GLY D 80 -4.34 -15.89 -11.90
CA GLY D 80 -4.93 -14.59 -12.17
C GLY D 80 -3.96 -13.60 -12.80
N GLY D 81 -2.66 -13.87 -12.64
CA GLY D 81 -1.61 -12.96 -13.09
C GLY D 81 -0.88 -13.38 -14.35
N TYR D 82 -0.29 -12.39 -15.01
CA TYR D 82 0.53 -12.57 -16.22
C TYR D 82 1.77 -11.67 -16.15
N LYS D 83 2.84 -12.09 -16.81
CA LYS D 83 4.13 -11.37 -16.76
C LYS D 83 4.16 -10.11 -17.65
N ILE D 84 4.95 -9.11 -17.23
CA ILE D 84 5.13 -7.90 -18.02
C ILE D 84 6.59 -7.54 -18.33
N ARG D 85 7.41 -7.36 -17.30
CA ARG D 85 8.82 -7.05 -17.53
C ARG D 85 9.71 -8.23 -17.21
N GLY D 86 9.68 -9.20 -18.10
CA GLY D 86 10.53 -10.37 -18.00
C GLY D 86 11.31 -10.59 -19.27
N SER D 87 12.13 -11.65 -19.26
CA SER D 87 12.93 -12.06 -20.41
C SER D 87 13.50 -13.45 -20.16
N THR D 88 13.18 -14.39 -21.03
CA THR D 88 13.69 -15.77 -20.93
C THR D 88 15.14 -15.89 -21.42
N PRO D 89 15.99 -16.69 -20.72
CA PRO D 89 15.77 -17.44 -19.48
C PRO D 89 16.30 -16.65 -18.28
N TYR D 90 16.49 -17.33 -17.14
CA TYR D 90 16.77 -16.66 -15.86
C TYR D 90 17.92 -17.27 -15.02
N ARG D 91 19.04 -16.56 -14.95
CA ARG D 91 20.21 -16.95 -14.13
C ARG D 91 20.21 -16.23 -12.77
N HIS D 92 21.36 -16.20 -12.11
CA HIS D 92 21.44 -15.75 -10.73
C HIS D 92 21.08 -14.28 -10.56
N GLY D 93 20.08 -14.04 -9.73
CA GLY D 93 19.73 -12.70 -9.27
C GLY D 93 19.05 -11.81 -10.27
N ASP D 94 18.31 -12.41 -11.20
CA ASP D 94 17.54 -11.63 -12.17
C ASP D 94 16.13 -11.38 -11.65
N SER D 95 15.63 -10.18 -11.88
CA SER D 95 14.28 -9.83 -11.47
C SER D 95 13.25 -10.38 -12.45
N VAL D 96 11.97 -10.22 -12.12
CA VAL D 96 10.88 -10.47 -13.04
C VAL D 96 9.61 -9.83 -12.49
N THR D 97 8.72 -9.40 -13.37
CA THR D 97 7.56 -8.62 -12.93
C THR D 97 6.22 -9.16 -13.42
N PHE D 98 5.23 -9.13 -12.53
CA PHE D 98 3.88 -9.65 -12.75
C PHE D 98 2.82 -8.54 -12.69
N ALA D 99 1.78 -8.66 -13.51
CA ALA D 99 0.63 -7.75 -13.45
C ALA D 99 -0.68 -8.55 -13.51
N CYS D 100 -1.65 -8.16 -12.69
CA CYS D 100 -2.95 -8.86 -12.62
C CYS D 100 -3.79 -8.68 -13.89
N LYS D 101 -4.52 -9.72 -14.25
CA LYS D 101 -5.48 -9.63 -15.35
C LYS D 101 -6.69 -8.82 -14.87
N THR D 102 -7.52 -8.39 -15.82
CA THR D 102 -8.78 -7.72 -15.53
C THR D 102 -9.50 -8.49 -14.41
N ASN D 103 -10.05 -7.75 -13.45
CA ASN D 103 -10.84 -8.32 -12.34
C ASN D 103 -10.01 -9.03 -11.25
N PHE D 104 -8.69 -8.96 -11.34
CA PHE D 104 -7.82 -9.58 -10.35
C PHE D 104 -7.00 -8.54 -9.57
N SER D 105 -7.03 -8.66 -8.24
CA SER D 105 -6.37 -7.70 -7.33
C SER D 105 -5.04 -8.24 -6.80
N MET D 106 -3.97 -7.45 -6.95
CA MET D 106 -2.59 -7.88 -6.61
C MET D 106 -2.19 -7.73 -5.14
N ASN D 107 -1.94 -8.87 -4.49
CA ASN D 107 -1.38 -8.85 -3.15
C ASN D 107 -0.02 -9.55 -3.07
N GLY D 108 0.89 -8.91 -2.33
CA GLY D 108 2.28 -9.35 -2.20
C GLY D 108 3.22 -8.43 -2.96
N ASN D 109 4.52 -8.58 -2.68
CA ASN D 109 5.57 -7.89 -3.43
C ASN D 109 5.46 -8.21 -4.93
N LYS D 110 5.59 -7.19 -5.77
CA LYS D 110 5.27 -7.33 -7.18
C LYS D 110 6.41 -7.83 -8.08
N SER D 111 7.57 -8.10 -7.50
CA SER D 111 8.71 -8.61 -8.28
C SER D 111 9.45 -9.67 -7.49
N VAL D 112 10.12 -10.58 -8.19
CA VAL D 112 10.93 -11.62 -7.53
C VAL D 112 12.34 -11.81 -8.13
N TRP D 113 13.29 -12.16 -7.26
CA TRP D 113 14.69 -12.39 -7.64
C TRP D 113 15.11 -13.86 -7.44
N CYS D 114 16.03 -14.34 -8.27
CA CYS D 114 16.48 -15.75 -8.26
C CYS D 114 17.74 -16.00 -7.41
N GLN D 115 17.55 -16.66 -6.26
CA GLN D 115 18.63 -16.92 -5.29
C GLN D 115 19.61 -18.00 -5.73
N ALA D 116 20.62 -18.24 -4.91
CA ALA D 116 21.53 -19.34 -5.13
C ALA D 116 20.76 -20.64 -4.94
N ASN D 117 19.97 -20.72 -3.86
CA ASN D 117 19.18 -21.91 -3.59
C ASN D 117 18.16 -22.23 -4.70
N ASN D 118 18.40 -21.66 -5.88
CA ASN D 118 17.64 -21.93 -7.11
C ASN D 118 16.15 -21.72 -6.98
N MET D 119 15.79 -21.05 -5.88
CA MET D 119 14.41 -20.71 -5.55
C MET D 119 14.24 -19.20 -5.60
N TRP D 120 13.01 -18.73 -5.49
CA TRP D 120 12.72 -17.31 -5.60
C TRP D 120 12.44 -16.65 -4.27
N GLY D 121 12.82 -15.37 -4.18
CA GLY D 121 12.64 -14.59 -2.97
C GLY D 121 12.91 -13.10 -3.12
N PRO D 122 13.13 -12.39 -2.00
CA PRO D 122 13.07 -12.95 -0.64
C PRO D 122 11.64 -13.26 -0.19
N THR D 123 10.68 -12.46 -0.64
CA THR D 123 9.26 -12.66 -0.31
C THR D 123 8.65 -13.57 -1.35
N ARG D 124 7.80 -14.48 -0.91
CA ARG D 124 7.15 -15.44 -1.82
C ARG D 124 6.39 -14.75 -2.96
N LEU D 125 6.00 -15.56 -3.96
CA LEU D 125 5.23 -15.11 -5.14
C LEU D 125 4.01 -14.28 -4.77
N PRO D 126 3.68 -13.27 -5.59
CA PRO D 126 2.43 -12.55 -5.36
C PRO D 126 1.26 -13.37 -5.89
N THR D 127 0.04 -13.04 -5.49
CA THR D 127 -1.13 -13.68 -6.08
C THR D 127 -2.24 -12.68 -6.41
N CYS D 128 -2.98 -12.98 -7.47
CA CYS D 128 -4.11 -12.16 -7.90
C CYS D 128 -5.42 -12.88 -7.55
N VAL D 129 -6.25 -12.24 -6.74
CA VAL D 129 -7.55 -12.80 -6.31
C VAL D 129 -8.77 -11.98 -6.84
N SER D 130 -9.92 -12.65 -6.92
CA SER D 130 -11.17 -12.09 -7.47
C SER D 130 -11.61 -10.77 -6.87
N VAL D 131 -12.41 -10.04 -7.62
CA VAL D 131 -13.14 -8.91 -7.07
C VAL D 131 -14.56 -9.36 -6.71
#